data_5B6E
#
_entry.id   5B6E
#
_cell.length_a   109.323
_cell.length_b   109.323
_cell.length_c   112.867
_cell.angle_alpha   90.000
_cell.angle_beta   90.000
_cell.angle_gamma   120.000
#
_symmetry.space_group_name_H-M   'P 32 2 1'
#
loop_
_entity.id
_entity.type
_entity.pdbx_description
1 polymer 'CMP 5-hydroxymethylase'
2 non-polymer "5-(hydroxymethyl)cytidine 5'-(dihydrogen phosphate)"
3 water water
#
_entity_poly.entity_id   1
_entity_poly.type   'polypeptide(L)'
_entity_poly.pdbx_seq_one_letter_code
;TFGTFQDAYLSQLRDIYHSPEFRNAPRGQASRERIGAGFRLLDPVQRHISVPARRANVVFNFAEALWYLSGSDRLDFIQY
YAPGIAAYSADGRTLRGTAYGPRIFRHPAGGVNQWENVVKTLTDDPDSKRAVIQIFDPRELAVADNIDVACTLALQFLIR
DGLLCGIGYMRANDAFRGAVSDVFSFTFLQEFTARYLGLGIGTYHHVVGSVHIYDSDARWAERVLDAATPDGGPRPGFPA
MPDGDNWPHVRRVLEWEERLRTNAARLSADALDALDLPAYWKHVVALFEAHRQVRHEDTPDRALLAALPEVYRQSLAVKW
PGHFG
;
_entity_poly.pdbx_strand_id   A,B
#
loop_
_chem_comp.id
_chem_comp.type
_chem_comp.name
_chem_comp.formula
5HM RNA linking '5-(hydroxymethyl)cytidine 5'-(dihydrogen phosphate)' 'C10 H16 N3 O9 P'
#
# COMPACT_ATOMS: atom_id res chain seq x y z
N THR A 1 -17.56 -0.69 -6.43
CA THR A 1 -18.28 -0.64 -5.12
C THR A 1 -19.29 -1.76 -5.00
N PHE A 2 -19.26 -2.45 -3.85
CA PHE A 2 -20.17 -3.55 -3.56
C PHE A 2 -20.76 -3.36 -2.17
N GLY A 3 -21.93 -3.98 -1.94
CA GLY A 3 -22.57 -3.92 -0.64
C GLY A 3 -21.86 -4.84 0.34
N THR A 4 -21.74 -6.11 -0.03
CA THR A 4 -21.14 -7.12 0.82
C THR A 4 -19.88 -7.70 0.20
N PHE A 5 -19.06 -8.36 1.02
CA PHE A 5 -17.86 -8.99 0.52
C PHE A 5 -18.21 -10.09 -0.50
N GLN A 6 -19.27 -10.85 -0.27
CA GLN A 6 -19.57 -11.94 -1.21
C GLN A 6 -19.75 -11.42 -2.64
N ASP A 7 -20.42 -10.29 -2.80
CA ASP A 7 -20.64 -9.71 -4.12
C ASP A 7 -19.30 -9.35 -4.77
N ALA A 8 -18.42 -8.72 -4.00
CA ALA A 8 -17.09 -8.31 -4.48
C ALA A 8 -16.23 -9.53 -4.81
N TYR A 9 -16.24 -10.50 -3.91
CA TYR A 9 -15.47 -11.74 -4.06
C TYR A 9 -15.82 -12.48 -5.35
N LEU A 10 -17.11 -12.66 -5.58
CA LEU A 10 -17.58 -13.38 -6.77
C LEU A 10 -17.31 -12.62 -8.06
N SER A 11 -17.50 -11.30 -8.04
CA SER A 11 -17.22 -10.46 -9.20
C SER A 11 -15.75 -10.52 -9.58
N GLN A 12 -14.87 -10.37 -8.59
CA GLN A 12 -13.42 -10.45 -8.81
C GLN A 12 -12.99 -11.83 -9.31
N LEU A 13 -13.54 -12.88 -8.72
CA LEU A 13 -13.17 -14.24 -9.11
C LEU A 13 -13.52 -14.48 -10.58
N ARG A 14 -14.67 -13.97 -11.01
CA ARG A 14 -15.11 -14.06 -12.40
C ARG A 14 -14.18 -13.28 -13.32
N ASP A 15 -13.80 -12.06 -12.91
CA ASP A 15 -12.88 -11.22 -13.69
C ASP A 15 -11.56 -11.94 -13.98
N ILE A 16 -10.96 -12.53 -12.95
CA ILE A 16 -9.63 -13.13 -13.07
C ILE A 16 -9.69 -14.47 -13.80
N TYR A 17 -10.74 -15.24 -13.54
CA TYR A 17 -10.89 -16.55 -14.15
C TYR A 17 -11.11 -16.44 -15.66
N HIS A 18 -12.09 -15.62 -16.05
CA HIS A 18 -12.50 -15.50 -17.45
C HIS A 18 -11.73 -14.45 -18.25
N SER A 19 -11.27 -13.40 -17.57
CA SER A 19 -10.58 -12.30 -18.25
C SER A 19 -9.26 -11.93 -17.57
N PRO A 20 -8.35 -12.90 -17.44
CA PRO A 20 -7.04 -12.56 -16.85
C PRO A 20 -6.22 -11.67 -17.77
N GLU A 21 -5.41 -10.80 -17.17
CA GLU A 21 -4.51 -9.93 -17.91
C GLU A 21 -3.24 -10.69 -18.28
N PHE A 22 -2.80 -11.57 -17.39
CA PHE A 22 -1.55 -12.30 -17.55
C PHE A 22 -1.66 -13.75 -17.08
N ARG A 23 -0.82 -14.59 -17.66
CA ARG A 23 -0.63 -15.96 -17.21
C ARG A 23 0.86 -16.13 -16.96
N ASN A 24 1.23 -16.48 -15.73
CA ASN A 24 2.64 -16.61 -15.36
C ASN A 24 2.82 -17.57 -14.18
N ALA A 25 4.03 -17.65 -13.64
CA ALA A 25 4.33 -18.61 -12.59
C ALA A 25 5.35 -18.08 -11.60
N PRO A 26 4.92 -17.14 -10.74
CA PRO A 26 5.83 -16.66 -9.69
C PRO A 26 6.23 -17.80 -8.76
N ARG A 27 7.54 -17.92 -8.51
CA ARG A 27 8.09 -19.01 -7.70
C ARG A 27 7.59 -20.38 -8.17
N GLY A 28 7.36 -20.50 -9.48
CA GLY A 28 6.93 -21.75 -10.11
C GLY A 28 5.46 -22.09 -10.00
N GLN A 29 4.65 -21.17 -9.47
CA GLN A 29 3.21 -21.44 -9.23
C GLN A 29 2.36 -20.84 -10.35
N ALA A 30 1.96 -21.68 -11.30
CA ALA A 30 1.23 -21.22 -12.48
C ALA A 30 -0.09 -20.56 -12.07
N SER A 31 -0.37 -19.39 -12.62
CA SER A 31 -1.48 -18.54 -12.17
C SER A 31 -2.13 -17.78 -13.30
N ARG A 32 -3.40 -17.41 -13.10
CA ARG A 32 -4.11 -16.39 -13.87
C ARG A 32 -4.07 -15.13 -13.02
N GLU A 33 -3.85 -13.97 -13.63
CA GLU A 33 -3.56 -12.77 -12.87
C GLU A 33 -4.10 -11.47 -13.47
N ARG A 34 -4.48 -10.54 -12.58
CA ARG A 34 -4.73 -9.15 -12.96
C ARG A 34 -3.93 -8.24 -12.02
N ILE A 35 -3.49 -7.09 -12.54
CA ILE A 35 -2.63 -6.16 -11.80
C ILE A 35 -3.42 -4.91 -11.42
N GLY A 36 -3.25 -4.46 -10.19
CA GLY A 36 -3.89 -3.23 -9.71
C GLY A 36 -5.39 -3.40 -9.60
N ALA A 37 -5.82 -4.28 -8.71
CA ALA A 37 -7.23 -4.63 -8.56
C ALA A 37 -7.70 -4.42 -7.13
N GLY A 38 -8.89 -3.86 -6.99
CA GLY A 38 -9.45 -3.60 -5.68
C GLY A 38 -10.96 -3.49 -5.70
N PHE A 39 -11.52 -3.19 -4.55
CA PHE A 39 -12.96 -3.01 -4.41
C PHE A 39 -13.24 -2.25 -3.14
N ARG A 40 -14.47 -1.74 -3.05
CA ARG A 40 -14.95 -1.07 -1.85
C ARG A 40 -16.16 -1.82 -1.35
N LEU A 41 -16.24 -2.00 -0.03
CA LEU A 41 -17.38 -2.63 0.61
C LEU A 41 -18.12 -1.59 1.45
N LEU A 42 -19.40 -1.39 1.18
CA LEU A 42 -20.19 -0.43 1.95
C LEU A 42 -20.60 -0.99 3.32
N ASP A 43 -20.67 -2.32 3.43
CA ASP A 43 -21.06 -2.98 4.68
C ASP A 43 -20.03 -4.06 5.06
N PRO A 44 -18.88 -3.64 5.62
CA PRO A 44 -17.77 -4.55 5.94
C PRO A 44 -18.08 -5.63 6.97
N VAL A 45 -19.11 -5.42 7.79
CA VAL A 45 -19.49 -6.43 8.77
C VAL A 45 -20.02 -7.70 8.07
N GLN A 46 -20.62 -7.52 6.89
CA GLN A 46 -21.08 -8.66 6.08
C GLN A 46 -19.89 -9.24 5.31
N ARG A 47 -19.03 -9.92 6.04
CA ARG A 47 -17.67 -10.24 5.58
C ARG A 47 -17.49 -11.70 5.17
N HIS A 48 -18.57 -12.46 5.15
CA HIS A 48 -18.52 -13.92 5.03
C HIS A 48 -18.93 -14.39 3.63
N ILE A 49 -18.39 -15.54 3.22
CA ILE A 49 -18.83 -16.20 1.99
C ILE A 49 -19.69 -17.39 2.36
N SER A 50 -20.90 -17.45 1.82
CA SER A 50 -21.86 -18.50 2.16
C SER A 50 -22.19 -19.45 0.98
N VAL A 51 -21.55 -19.24 -0.16
CA VAL A 51 -21.76 -20.12 -1.32
C VAL A 51 -21.32 -21.55 -0.96
N PRO A 52 -22.28 -22.50 -0.95
CA PRO A 52 -21.95 -23.85 -0.47
C PRO A 52 -20.74 -24.53 -1.13
N ALA A 53 -20.58 -24.34 -2.45
CA ALA A 53 -19.47 -24.95 -3.17
C ALA A 53 -18.10 -24.42 -2.71
N ARG A 54 -18.06 -23.23 -2.14
CA ARG A 54 -16.81 -22.68 -1.60
C ARG A 54 -16.38 -23.32 -0.28
N ARG A 55 -17.35 -23.82 0.49
CA ARG A 55 -17.09 -24.41 1.80
C ARG A 55 -16.23 -23.51 2.69
N ALA A 56 -16.59 -22.23 2.75
CA ALA A 56 -15.89 -21.28 3.60
C ALA A 56 -15.98 -21.72 5.07
N ASN A 57 -14.87 -21.59 5.77
CA ASN A 57 -14.75 -22.13 7.12
C ASN A 57 -14.75 -21.00 8.15
N VAL A 58 -15.91 -20.73 8.75
CA VAL A 58 -16.05 -19.61 9.68
C VAL A 58 -15.20 -19.78 10.95
N VAL A 59 -14.93 -21.03 11.33
CA VAL A 59 -14.10 -21.30 12.50
C VAL A 59 -12.68 -20.82 12.24
N PHE A 60 -12.13 -21.22 11.10
CA PHE A 60 -10.82 -20.73 10.70
C PHE A 60 -10.80 -19.20 10.60
N ASN A 61 -11.88 -18.61 10.07
CA ASN A 61 -11.92 -17.17 9.89
C ASN A 61 -11.78 -16.41 11.21
N PHE A 62 -12.55 -16.83 12.22
CA PHE A 62 -12.40 -16.26 13.55
C PHE A 62 -11.05 -16.60 14.17
N ALA A 63 -10.58 -17.83 13.99
CA ALA A 63 -9.30 -18.25 14.56
C ALA A 63 -8.15 -17.39 14.04
N GLU A 64 -8.15 -17.11 12.74
CA GLU A 64 -7.09 -16.29 12.16
C GLU A 64 -7.13 -14.87 12.73
N ALA A 65 -8.32 -14.29 12.77
CA ALA A 65 -8.48 -12.93 13.29
C ALA A 65 -8.05 -12.83 14.75
N LEU A 66 -8.42 -13.83 15.55
CA LEU A 66 -8.02 -13.86 16.96
C LEU A 66 -6.53 -14.20 17.14
N TRP A 67 -5.99 -15.03 16.25
CA TRP A 67 -4.55 -15.31 16.24
C TRP A 67 -3.79 -13.99 16.07
N TYR A 68 -4.24 -13.14 15.16
CA TYR A 68 -3.66 -11.80 14.99
C TYR A 68 -3.78 -10.96 16.25
N LEU A 69 -4.99 -10.89 16.83
CA LEU A 69 -5.20 -10.08 18.04
C LEU A 69 -4.36 -10.57 19.24
N SER A 70 -4.02 -11.85 19.26
CA SER A 70 -3.17 -12.42 20.30
C SER A 70 -1.70 -12.01 20.16
N GLY A 71 -1.31 -11.49 19.00
CA GLY A 71 0.08 -11.10 18.73
C GLY A 71 1.04 -12.26 18.54
N SER A 72 0.50 -13.47 18.31
CA SER A 72 1.31 -14.69 18.26
C SER A 72 1.87 -14.97 16.86
N ASP A 73 3.03 -15.60 16.80
CA ASP A 73 3.59 -16.12 15.55
C ASP A 73 3.58 -17.65 15.52
N ARG A 74 2.90 -18.26 16.49
CA ARG A 74 2.98 -19.70 16.70
C ARG A 74 2.20 -20.49 15.66
N LEU A 75 2.85 -21.52 15.12
CA LEU A 75 2.22 -22.38 14.13
C LEU A 75 1.15 -23.27 14.74
N ASP A 76 1.40 -23.79 15.94
CA ASP A 76 0.49 -24.78 16.55
C ASP A 76 -0.95 -24.28 16.62
N PHE A 77 -1.12 -23.02 17.03
CA PHE A 77 -2.43 -22.36 17.08
C PHE A 77 -3.14 -22.45 15.72
N ILE A 78 -2.52 -21.88 14.70
CA ILE A 78 -3.23 -21.66 13.44
C ILE A 78 -3.34 -22.91 12.56
N GLN A 79 -2.32 -23.76 12.57
CA GLN A 79 -2.34 -24.98 11.74
C GLN A 79 -3.42 -25.98 12.18
N TYR A 80 -3.83 -25.89 13.45
CA TYR A 80 -4.96 -26.65 13.96
C TYR A 80 -6.22 -26.40 13.13
N TYR A 81 -6.41 -25.16 12.69
CA TYR A 81 -7.58 -24.77 11.89
C TYR A 81 -7.34 -24.85 10.38
N ALA A 82 -6.09 -24.70 9.98
CA ALA A 82 -5.71 -24.72 8.56
C ALA A 82 -4.42 -25.50 8.42
N PRO A 83 -4.52 -26.85 8.36
CA PRO A 83 -3.34 -27.70 8.32
C PRO A 83 -2.35 -27.33 7.23
N GLY A 84 -2.84 -26.87 6.08
CA GLY A 84 -1.98 -26.51 4.94
C GLY A 84 -1.06 -25.31 5.19
N ILE A 85 -1.34 -24.55 6.23
CA ILE A 85 -0.54 -23.38 6.55
C ILE A 85 0.89 -23.76 6.99
N ALA A 86 1.07 -25.02 7.39
CA ALA A 86 2.39 -25.54 7.76
C ALA A 86 3.43 -25.43 6.63
N ALA A 87 2.95 -25.38 5.40
CA ALA A 87 3.83 -25.24 4.22
C ALA A 87 4.64 -23.94 4.24
N TYR A 88 4.16 -22.95 4.99
CA TYR A 88 4.83 -21.65 5.07
C TYR A 88 5.71 -21.50 6.31
N SER A 89 5.84 -22.56 7.11
CA SER A 89 6.68 -22.55 8.30
C SER A 89 8.03 -23.19 8.01
N ALA A 90 9.11 -22.44 8.20
CA ALA A 90 10.46 -22.95 7.97
C ALA A 90 10.96 -23.81 9.13
N ASP A 91 10.42 -23.57 10.33
CA ASP A 91 10.92 -24.23 11.54
C ASP A 91 9.94 -25.25 12.17
N GLY A 92 8.74 -25.35 11.61
CA GLY A 92 7.68 -26.19 12.17
C GLY A 92 7.17 -25.68 13.52
N ARG A 93 7.49 -24.43 13.83
CA ARG A 93 7.19 -23.82 15.13
C ARG A 93 6.49 -22.46 14.99
N THR A 94 6.93 -21.67 14.02
CA THR A 94 6.45 -20.30 13.85
C THR A 94 6.18 -19.98 12.38
N LEU A 95 5.44 -18.92 12.17
CA LEU A 95 5.25 -18.31 10.87
C LEU A 95 5.91 -16.93 10.83
N ARG A 96 6.22 -16.45 9.65
CA ARG A 96 6.94 -15.22 9.62
C ARG A 96 6.10 -14.10 8.96
N GLY A 97 6.09 -14.06 7.63
CA GLY A 97 5.24 -13.14 6.90
C GLY A 97 3.73 -13.46 6.97
N THR A 98 3.39 -14.69 7.28
CA THR A 98 1.98 -15.06 7.44
C THR A 98 1.43 -14.56 8.79
N ALA A 99 2.31 -14.36 9.76
CA ALA A 99 1.91 -13.98 11.12
C ALA A 99 1.75 -12.46 11.25
N TYR A 100 0.57 -11.94 10.99
CA TYR A 100 0.37 -10.50 11.09
C TYR A 100 0.30 -10.01 12.53
N GLY A 101 0.04 -10.91 13.47
CA GLY A 101 -0.07 -10.55 14.90
C GLY A 101 1.10 -9.74 15.43
N PRO A 102 2.32 -10.29 15.32
CA PRO A 102 3.51 -9.55 15.75
C PRO A 102 3.74 -8.26 14.94
N ARG A 103 3.41 -8.29 13.65
CA ARG A 103 3.56 -7.10 12.81
C ARG A 103 2.70 -5.96 13.35
N ILE A 104 1.48 -6.29 13.80
CA ILE A 104 0.57 -5.29 14.33
C ILE A 104 1.01 -4.79 15.72
N PHE A 105 1.30 -5.72 16.61
CA PHE A 105 1.41 -5.39 18.05
C PHE A 105 2.84 -5.33 18.59
N ARG A 106 3.81 -5.84 17.82
CA ARG A 106 5.22 -5.72 18.21
C ARG A 106 6.10 -5.85 16.97
N HIS A 107 5.98 -4.86 16.08
CA HIS A 107 6.59 -4.93 14.76
C HIS A 107 8.11 -5.11 14.84
N PRO A 108 8.68 -5.96 13.97
CA PRO A 108 10.14 -6.19 13.95
C PRO A 108 10.96 -4.90 14.00
N ALA A 109 10.48 -3.85 13.34
CA ALA A 109 11.08 -2.52 13.44
C ALA A 109 10.72 -1.85 14.76
N GLY A 110 11.60 -2.01 15.75
CA GLY A 110 11.46 -1.36 17.06
C GLY A 110 10.59 -2.05 18.09
N GLY A 111 9.87 -3.11 17.71
CA GLY A 111 8.94 -3.78 18.62
C GLY A 111 7.71 -2.94 18.93
N VAL A 112 7.34 -2.08 18.00
CA VAL A 112 6.28 -1.10 18.20
C VAL A 112 4.89 -1.74 18.18
N ASN A 113 4.04 -1.33 19.13
CA ASN A 113 2.63 -1.67 19.11
C ASN A 113 1.90 -0.62 18.29
N GLN A 114 1.67 -0.95 17.03
CA GLN A 114 1.11 0.01 16.09
C GLN A 114 -0.39 0.22 16.28
N TRP A 115 -1.09 -0.81 16.76
CA TRP A 115 -2.50 -0.66 17.06
C TRP A 115 -2.71 0.43 18.12
N GLU A 116 -1.93 0.36 19.20
CA GLU A 116 -2.01 1.39 20.24
C GLU A 116 -1.66 2.77 19.68
N ASN A 117 -0.63 2.84 18.83
CA ASN A 117 -0.24 4.12 18.24
C ASN A 117 -1.29 4.68 17.29
N VAL A 118 -1.98 3.81 16.57
CA VAL A 118 -3.09 4.24 15.70
C VAL A 118 -4.24 4.82 16.53
N VAL A 119 -4.63 4.13 17.60
CA VAL A 119 -5.69 4.62 18.48
C VAL A 119 -5.35 5.98 19.08
N LYS A 120 -4.11 6.15 19.52
CA LYS A 120 -3.65 7.43 20.08
C LYS A 120 -3.65 8.52 19.03
N THR A 121 -3.22 8.16 17.82
CA THR A 121 -3.12 9.12 16.73
C THR A 121 -4.52 9.65 16.38
N LEU A 122 -5.49 8.74 16.30
CA LEU A 122 -6.87 9.10 15.95
C LEU A 122 -7.61 9.79 17.10
N THR A 123 -7.20 9.51 18.33
CA THR A 123 -7.78 10.18 19.49
C THR A 123 -7.32 11.64 19.52
N ASP A 124 -6.03 11.88 19.29
CA ASP A 124 -5.45 13.23 19.28
C ASP A 124 -5.84 14.03 18.04
N ASP A 125 -5.93 13.37 16.90
CA ASP A 125 -6.33 14.02 15.66
C ASP A 125 -7.30 13.13 14.90
N PRO A 126 -8.62 13.29 15.17
CA PRO A 126 -9.62 12.45 14.52
C PRO A 126 -9.54 12.42 12.99
N ASP A 127 -9.18 13.56 12.37
CA ASP A 127 -9.10 13.63 10.90
C ASP A 127 -7.81 13.02 10.32
N SER A 128 -6.96 12.44 11.16
CA SER A 128 -5.61 12.04 10.74
C SER A 128 -5.56 11.16 9.49
N LYS A 129 -4.57 11.45 8.64
CA LYS A 129 -4.23 10.63 7.49
C LYS A 129 -3.05 9.70 7.79
N ARG A 130 -2.57 9.72 9.03
CA ARG A 130 -1.37 9.00 9.43
C ARG A 130 -1.59 7.65 10.11
N ALA A 131 -2.85 7.28 10.34
CA ALA A 131 -3.18 6.12 11.18
C ALA A 131 -3.01 4.83 10.40
N VAL A 132 -1.74 4.43 10.24
CA VAL A 132 -1.36 3.29 9.43
C VAL A 132 -0.68 2.23 10.29
N ILE A 133 -1.07 0.98 10.09
CA ILE A 133 -0.36 -0.18 10.62
C ILE A 133 0.45 -0.82 9.48
N GLN A 134 1.76 -0.67 9.53
CA GLN A 134 2.69 -1.29 8.58
C GLN A 134 2.82 -2.79 8.88
N ILE A 135 2.76 -3.62 7.84
CA ILE A 135 2.84 -5.07 8.02
C ILE A 135 4.18 -5.58 7.46
N PHE A 136 4.41 -5.32 6.18
CA PHE A 136 5.65 -5.67 5.49
C PHE A 136 6.89 -5.10 6.20
N ASP A 137 8.03 -5.76 6.03
CA ASP A 137 9.29 -5.30 6.60
C ASP A 137 10.42 -5.43 5.57
N PRO A 138 11.35 -4.45 5.51
CA PRO A 138 12.41 -4.45 4.49
C PRO A 138 13.41 -5.61 4.55
N ARG A 139 13.49 -6.32 5.67
CA ARG A 139 14.44 -7.42 5.81
C ARG A 139 13.95 -8.73 5.21
N GLU A 140 12.67 -8.81 4.86
CA GLU A 140 12.11 -10.08 4.39
C GLU A 140 12.72 -10.53 3.06
N LEU A 141 13.03 -9.58 2.18
CA LEU A 141 13.67 -9.90 0.89
C LEU A 141 15.16 -10.25 1.05
N ALA A 142 15.74 -9.88 2.19
CA ALA A 142 17.14 -10.18 2.48
C ALA A 142 17.34 -11.60 3.01
N VAL A 143 16.24 -12.30 3.32
CA VAL A 143 16.31 -13.69 3.76
C VAL A 143 16.42 -14.58 2.53
N ALA A 144 17.51 -15.33 2.42
CA ALA A 144 17.71 -16.22 1.29
C ALA A 144 16.65 -17.31 1.28
N ASP A 145 16.04 -17.54 0.12
CA ASP A 145 15.05 -18.61 -0.06
C ASP A 145 13.92 -18.55 0.97
N ASN A 146 13.45 -17.33 1.23
CA ASN A 146 12.37 -17.10 2.18
C ASN A 146 11.07 -17.70 1.66
N ILE A 147 10.48 -18.61 2.44
CA ILE A 147 9.24 -19.27 2.02
C ILE A 147 7.98 -18.53 2.49
N ASP A 148 8.14 -17.43 3.23
CA ASP A 148 6.99 -16.75 3.84
C ASP A 148 7.21 -15.25 3.99
N VAL A 149 7.03 -14.54 2.88
CA VAL A 149 7.20 -13.08 2.84
C VAL A 149 5.83 -12.43 2.94
N ALA A 150 5.65 -11.50 3.86
CA ALA A 150 4.35 -10.84 4.06
C ALA A 150 3.81 -10.31 2.73
N CYS A 151 2.55 -10.59 2.42
CA CYS A 151 1.94 -10.07 1.18
C CYS A 151 1.02 -8.87 1.43
N THR A 152 0.78 -8.55 2.71
CA THR A 152 0.10 -7.33 3.06
C THR A 152 1.13 -6.26 3.36
N LEU A 153 0.94 -5.07 2.80
CA LEU A 153 1.88 -3.97 2.99
C LEU A 153 1.51 -3.18 4.24
N ALA A 154 0.24 -2.79 4.33
CA ALA A 154 -0.24 -1.99 5.44
C ALA A 154 -1.75 -1.99 5.52
N LEU A 155 -2.25 -1.59 6.69
CA LEU A 155 -3.66 -1.34 6.92
C LEU A 155 -3.80 0.11 7.41
N GLN A 156 -4.77 0.83 6.88
CA GLN A 156 -4.99 2.22 7.27
C GLN A 156 -6.41 2.39 7.78
N PHE A 157 -6.56 3.18 8.85
CA PHE A 157 -7.86 3.55 9.37
C PHE A 157 -8.05 5.06 9.33
N LEU A 158 -9.25 5.50 8.99
CA LEU A 158 -9.62 6.90 8.98
C LEU A 158 -10.98 7.08 9.63
N ILE A 159 -11.10 8.08 10.50
CA ILE A 159 -12.39 8.45 11.06
C ILE A 159 -13.00 9.51 10.15
N ARG A 160 -14.13 9.17 9.54
CA ARG A 160 -14.81 10.10 8.64
C ARG A 160 -16.30 10.09 8.94
N ASP A 161 -16.81 11.27 9.32
CA ASP A 161 -18.23 11.47 9.63
C ASP A 161 -18.73 10.45 10.66
N GLY A 162 -17.95 10.27 11.73
CA GLY A 162 -18.33 9.39 12.82
C GLY A 162 -18.21 7.91 12.55
N LEU A 163 -17.61 7.55 11.42
CA LEU A 163 -17.43 6.16 11.04
C LEU A 163 -15.95 5.86 10.86
N LEU A 164 -15.55 4.65 11.22
CA LEU A 164 -14.18 4.21 10.96
C LEU A 164 -14.10 3.49 9.63
N CYS A 165 -13.37 4.07 8.68
CA CYS A 165 -13.11 3.46 7.38
C CYS A 165 -11.79 2.71 7.44
N GLY A 166 -11.69 1.66 6.63
CA GLY A 166 -10.49 0.82 6.58
C GLY A 166 -9.98 0.66 5.16
N ILE A 167 -8.66 0.61 5.03
CA ILE A 167 -8.03 0.35 3.74
C ILE A 167 -6.95 -0.71 3.93
N GLY A 168 -7.05 -1.80 3.18
CA GLY A 168 -6.02 -2.84 3.17
C GLY A 168 -5.21 -2.74 1.89
N TYR A 169 -3.91 -2.54 2.03
CA TYR A 169 -2.98 -2.48 0.91
C TYR A 169 -2.17 -3.76 0.86
N MET A 170 -2.26 -4.50 -0.23
CA MET A 170 -1.51 -5.75 -0.40
C MET A 170 -0.70 -5.74 -1.69
N ARG A 171 0.50 -6.31 -1.65
CA ARG A 171 1.32 -6.48 -2.86
C ARG A 171 0.79 -7.62 -3.71
N ALA A 172 0.11 -8.58 -3.08
CA ALA A 172 -0.36 -9.78 -3.75
C ALA A 172 -1.49 -10.38 -2.95
N ASN A 173 -2.47 -10.99 -3.63
CA ASN A 173 -3.57 -11.65 -2.95
C ASN A 173 -4.17 -12.76 -3.81
N ASP A 174 -4.26 -13.94 -3.22
CA ASP A 174 -4.94 -15.10 -3.79
C ASP A 174 -6.44 -14.83 -3.80
N ALA A 175 -6.99 -14.64 -5.00
CA ALA A 175 -8.38 -14.25 -5.18
C ALA A 175 -9.36 -15.34 -4.77
N PHE A 176 -8.92 -16.59 -4.78
CA PHE A 176 -9.80 -17.69 -4.47
C PHE A 176 -9.77 -18.04 -2.98
N ARG A 177 -8.58 -18.26 -2.43
CA ARG A 177 -8.43 -18.71 -1.04
C ARG A 177 -8.15 -17.57 -0.07
N GLY A 178 -6.97 -16.97 -0.20
CA GLY A 178 -6.48 -15.98 0.75
C GLY A 178 -7.40 -14.78 0.96
N ALA A 179 -7.95 -14.27 -0.14
CA ALA A 179 -8.84 -13.12 -0.09
C ALA A 179 -10.00 -13.32 0.90
N VAL A 180 -10.51 -14.54 0.98
CA VAL A 180 -11.63 -14.85 1.88
C VAL A 180 -11.25 -14.55 3.32
N SER A 181 -10.12 -15.09 3.76
CA SER A 181 -9.68 -14.88 5.14
C SER A 181 -9.07 -13.50 5.37
N ASP A 182 -8.37 -12.96 4.39
CA ASP A 182 -7.76 -11.64 4.55
C ASP A 182 -8.81 -10.56 4.73
N VAL A 183 -9.83 -10.54 3.87
CA VAL A 183 -10.87 -9.53 3.98
C VAL A 183 -11.67 -9.76 5.28
N PHE A 184 -11.92 -11.02 5.63
CA PHE A 184 -12.56 -11.30 6.92
C PHE A 184 -11.78 -10.67 8.07
N SER A 185 -10.48 -10.96 8.11
CA SER A 185 -9.64 -10.50 9.21
C SER A 185 -9.46 -8.99 9.26
N PHE A 186 -9.28 -8.36 8.09
CA PHE A 186 -9.08 -6.91 8.06
C PHE A 186 -10.35 -6.16 8.44
N THR A 187 -11.50 -6.62 7.95
CA THR A 187 -12.79 -5.99 8.34
C THR A 187 -13.14 -6.31 9.79
N PHE A 188 -12.69 -7.45 10.29
CA PHE A 188 -12.84 -7.78 11.71
C PHE A 188 -12.04 -6.80 12.56
N LEU A 189 -10.79 -6.58 12.18
CA LEU A 189 -9.95 -5.61 12.87
C LEU A 189 -10.59 -4.23 12.81
N GLN A 190 -11.07 -3.85 11.64
CA GLN A 190 -11.76 -2.57 11.45
C GLN A 190 -12.94 -2.44 12.40
N GLU A 191 -13.81 -3.44 12.44
CA GLU A 191 -14.97 -3.39 13.33
C GLU A 191 -14.55 -3.32 14.79
N PHE A 192 -13.60 -4.17 15.17
CA PHE A 192 -13.09 -4.22 16.54
C PHE A 192 -12.58 -2.86 16.98
N THR A 193 -11.82 -2.21 16.11
CA THR A 193 -11.25 -0.90 16.42
C THR A 193 -12.34 0.19 16.45
N ALA A 194 -13.32 0.08 15.57
CA ALA A 194 -14.45 1.02 15.58
C ALA A 194 -15.22 0.95 16.91
N ARG A 195 -15.56 -0.27 17.34
CA ARG A 195 -16.26 -0.46 18.61
C ARG A 195 -15.44 0.14 19.76
N TYR A 196 -14.15 -0.18 19.80
CA TYR A 196 -13.25 0.35 20.82
C TYR A 196 -13.28 1.88 20.86
N LEU A 197 -13.29 2.50 19.69
CA LEU A 197 -13.31 3.97 19.58
C LEU A 197 -14.71 4.59 19.72
N GLY A 198 -15.75 3.75 19.82
CA GLY A 198 -17.12 4.22 19.95
C GLY A 198 -17.70 4.79 18.65
N LEU A 199 -17.25 4.26 17.52
CA LEU A 199 -17.65 4.74 16.20
C LEU A 199 -18.45 3.70 15.46
N GLY A 200 -19.18 4.14 14.43
CA GLY A 200 -19.84 3.24 13.51
C GLY A 200 -18.84 2.71 12.49
N ILE A 201 -19.30 1.78 11.66
CA ILE A 201 -18.44 1.16 10.67
C ILE A 201 -18.59 1.87 9.33
N GLY A 202 -17.47 2.34 8.79
CA GLY A 202 -17.45 2.99 7.49
C GLY A 202 -17.10 1.99 6.41
N THR A 203 -16.68 2.48 5.26
CA THR A 203 -16.37 1.64 4.12
C THR A 203 -15.04 0.92 4.34
N TYR A 204 -14.90 -0.23 3.69
CA TYR A 204 -13.63 -0.93 3.64
C TYR A 204 -13.13 -0.93 2.20
N HIS A 205 -11.88 -0.53 1.99
CA HIS A 205 -11.25 -0.51 0.66
C HIS A 205 -10.16 -1.57 0.60
N HIS A 206 -10.20 -2.42 -0.42
CA HIS A 206 -9.18 -3.43 -0.62
C HIS A 206 -8.40 -3.06 -1.89
N VAL A 207 -7.08 -2.95 -1.78
CA VAL A 207 -6.25 -2.60 -2.94
C VAL A 207 -5.04 -3.54 -3.04
N VAL A 208 -4.88 -4.16 -4.20
CA VAL A 208 -3.91 -5.24 -4.36
C VAL A 208 -3.12 -5.06 -5.66
N GLY A 209 -1.79 -5.25 -5.58
CA GLY A 209 -0.93 -5.23 -6.75
C GLY A 209 -1.17 -6.39 -7.70
N SER A 210 -0.95 -7.60 -7.22
CA SER A 210 -1.22 -8.80 -8.01
C SER A 210 -2.37 -9.61 -7.41
N VAL A 211 -3.48 -9.70 -8.12
CA VAL A 211 -4.59 -10.55 -7.73
C VAL A 211 -4.60 -11.71 -8.72
N HIS A 212 -4.68 -12.94 -8.23
CA HIS A 212 -4.48 -14.13 -9.04
C HIS A 212 -5.28 -15.32 -8.54
N ILE A 213 -5.58 -16.22 -9.46
CA ILE A 213 -6.05 -17.55 -9.15
C ILE A 213 -4.99 -18.57 -9.54
N TYR A 214 -4.52 -19.36 -8.61
CA TYR A 214 -3.55 -20.42 -8.92
C TYR A 214 -4.21 -21.48 -9.79
N ASP A 215 -3.49 -21.98 -10.79
CA ASP A 215 -4.04 -23.02 -11.67
C ASP A 215 -4.48 -24.25 -10.87
N SER A 216 -3.78 -24.54 -9.79
CA SER A 216 -4.14 -25.65 -8.91
C SER A 216 -5.52 -25.49 -8.26
N ASP A 217 -6.04 -24.26 -8.19
CA ASP A 217 -7.39 -23.99 -7.67
C ASP A 217 -8.44 -23.77 -8.75
N ALA A 218 -8.05 -23.90 -10.02
CA ALA A 218 -8.96 -23.60 -11.14
C ALA A 218 -10.25 -24.41 -11.11
N ARG A 219 -10.15 -25.70 -10.81
CA ARG A 219 -11.34 -26.57 -10.79
C ARG A 219 -12.32 -26.13 -9.70
N TRP A 220 -11.78 -25.84 -8.51
CA TRP A 220 -12.60 -25.42 -7.38
C TRP A 220 -13.21 -24.04 -7.64
N ALA A 221 -12.41 -23.12 -8.16
CA ALA A 221 -12.90 -21.79 -8.51
C ALA A 221 -14.05 -21.90 -9.51
N GLU A 222 -13.91 -22.80 -10.49
CA GLU A 222 -14.96 -23.01 -11.48
C GLU A 222 -16.24 -23.52 -10.83
N ARG A 223 -16.12 -24.47 -9.91
CA ARG A 223 -17.29 -24.97 -9.16
C ARG A 223 -18.01 -23.85 -8.42
N VAL A 224 -17.25 -22.92 -7.85
CA VAL A 224 -17.84 -21.79 -7.13
C VAL A 224 -18.57 -20.83 -8.09
N LEU A 225 -17.93 -20.52 -9.22
CA LEU A 225 -18.55 -19.64 -10.22
C LEU A 225 -19.78 -20.27 -10.87
N ASP A 226 -19.79 -21.60 -11.00
CA ASP A 226 -20.94 -22.32 -11.56
C ASP A 226 -22.11 -22.40 -10.58
N ALA A 227 -21.81 -22.53 -9.29
CA ALA A 227 -22.84 -22.58 -8.25
C ALA A 227 -23.54 -21.24 -8.09
N ALA A 228 -22.76 -20.17 -8.17
CA ALA A 228 -23.30 -18.81 -8.11
C ALA A 228 -24.05 -18.48 -9.39
N ARG A 235 -29.89 -13.77 2.01
CA ARG A 235 -29.23 -14.66 2.97
C ARG A 235 -29.32 -14.13 4.40
N PRO A 236 -28.72 -14.90 5.18
CA PRO A 236 -28.70 -14.48 6.57
C PRO A 236 -27.52 -13.55 6.86
N GLY A 237 -27.70 -12.64 7.80
CA GLY A 237 -26.71 -11.61 8.07
C GLY A 237 -25.63 -12.04 9.06
N PHE A 238 -24.42 -11.53 8.86
CA PHE A 238 -23.35 -11.72 9.83
C PHE A 238 -23.62 -10.83 11.04
N PRO A 239 -23.50 -11.38 12.26
CA PRO A 239 -23.81 -10.57 13.45
C PRO A 239 -22.78 -9.50 13.75
N ALA A 240 -23.22 -8.42 14.38
CA ALA A 240 -22.35 -7.31 14.75
C ALA A 240 -21.67 -7.56 16.08
N MET A 241 -20.39 -7.18 16.17
CA MET A 241 -19.61 -7.25 17.39
C MET A 241 -20.15 -6.21 18.37
N PRO A 242 -20.19 -6.51 19.66
CA PRO A 242 -20.75 -5.58 20.65
C PRO A 242 -20.04 -4.24 20.71
N ASP A 243 -20.74 -3.24 21.20
CA ASP A 243 -20.17 -1.90 21.37
C ASP A 243 -19.08 -1.89 22.43
N GLY A 244 -18.18 -0.92 22.32
CA GLY A 244 -17.17 -0.66 23.34
C GLY A 244 -15.89 -1.46 23.20
N ASP A 245 -15.13 -1.51 24.30
CA ASP A 245 -13.84 -2.17 24.34
C ASP A 245 -14.02 -3.69 24.47
N ASN A 246 -13.70 -4.42 23.39
CA ASN A 246 -13.86 -5.87 23.38
C ASN A 246 -12.60 -6.65 23.80
N TRP A 247 -11.53 -5.96 24.18
CA TRP A 247 -10.30 -6.64 24.60
C TRP A 247 -10.51 -7.64 25.73
N PRO A 248 -11.28 -7.26 26.78
CA PRO A 248 -11.50 -8.24 27.86
C PRO A 248 -12.19 -9.52 27.38
N HIS A 249 -13.14 -9.38 26.46
CA HIS A 249 -13.84 -10.54 25.91
C HIS A 249 -12.89 -11.37 25.05
N VAL A 250 -12.08 -10.70 24.25
CA VAL A 250 -11.08 -11.35 23.41
C VAL A 250 -10.09 -12.15 24.26
N ARG A 251 -9.64 -11.58 25.37
CA ARG A 251 -8.72 -12.29 26.28
C ARG A 251 -9.38 -13.57 26.82
N ARG A 252 -10.65 -13.48 27.17
CA ARG A 252 -11.40 -14.64 27.68
C ARG A 252 -11.61 -15.69 26.58
N VAL A 253 -11.95 -15.23 25.38
CA VAL A 253 -12.13 -16.12 24.24
C VAL A 253 -10.82 -16.84 23.86
N LEU A 254 -9.70 -16.14 23.98
CA LEU A 254 -8.39 -16.73 23.68
C LEU A 254 -8.01 -17.79 24.72
N GLU A 255 -8.41 -17.58 25.96
CA GLU A 255 -8.24 -18.61 26.99
C GLU A 255 -9.01 -19.87 26.59
N TRP A 256 -10.28 -19.71 26.22
CA TRP A 256 -11.09 -20.85 25.80
C TRP A 256 -10.53 -21.48 24.51
N GLU A 257 -10.11 -20.64 23.58
CA GLU A 257 -9.51 -21.13 22.33
C GLU A 257 -8.39 -22.12 22.63
N GLU A 258 -7.49 -21.74 23.54
CA GLU A 258 -6.32 -22.57 23.84
C GLU A 258 -6.72 -23.90 24.47
N ARG A 259 -7.63 -23.84 25.44
CA ARG A 259 -8.04 -25.04 26.17
C ARG A 259 -8.80 -26.00 25.27
N LEU A 260 -9.68 -25.47 24.43
CA LEU A 260 -10.45 -26.31 23.51
C LEU A 260 -9.55 -26.93 22.44
N ARG A 261 -8.67 -26.13 21.84
CA ARG A 261 -7.75 -26.62 20.80
C ARG A 261 -6.86 -27.76 21.29
N THR A 262 -6.35 -27.63 22.51
CA THR A 262 -5.49 -28.66 23.10
C THR A 262 -6.27 -29.79 23.78
N ASN A 263 -7.61 -29.74 23.69
CA ASN A 263 -8.49 -30.70 24.34
C ASN A 263 -8.32 -30.75 25.86
N ALA A 264 -7.90 -29.63 26.44
CA ALA A 264 -7.73 -29.50 27.89
C ALA A 264 -9.02 -29.09 28.57
N ALA A 265 -10.05 -28.82 27.77
CA ALA A 265 -11.39 -28.57 28.29
C ALA A 265 -12.42 -28.92 27.23
N ARG A 266 -13.66 -29.07 27.67
CA ARG A 266 -14.79 -29.16 26.75
C ARG A 266 -16.03 -28.63 27.42
N LEU A 267 -17.01 -28.23 26.60
CA LEU A 267 -18.22 -27.56 27.07
C LEU A 267 -19.43 -28.03 26.30
N SER A 268 -20.48 -28.40 27.03
CA SER A 268 -21.75 -28.74 26.41
C SER A 268 -22.47 -27.49 25.92
N ALA A 269 -23.54 -27.71 25.15
CA ALA A 269 -24.37 -26.61 24.67
C ALA A 269 -24.86 -25.72 25.83
N ASP A 270 -25.34 -26.34 26.90
CA ASP A 270 -25.83 -25.56 28.04
C ASP A 270 -24.71 -24.84 28.78
N ALA A 271 -23.54 -25.48 28.87
CA ALA A 271 -22.37 -24.82 29.47
C ALA A 271 -21.99 -23.59 28.65
N LEU A 272 -22.01 -23.74 27.33
CA LEU A 272 -21.70 -22.62 26.42
C LEU A 272 -22.68 -21.46 26.61
N ASP A 273 -23.97 -21.77 26.66
CA ASP A 273 -25.02 -20.77 26.85
C ASP A 273 -24.87 -20.00 28.16
N ALA A 274 -24.29 -20.65 29.17
CA ALA A 274 -24.16 -20.06 30.51
C ALA A 274 -22.84 -19.33 30.75
N LEU A 275 -21.95 -19.32 29.76
CA LEU A 275 -20.68 -18.60 29.89
C LEU A 275 -20.89 -17.11 30.16
N ASP A 276 -20.02 -16.52 30.97
CA ASP A 276 -20.08 -15.11 31.30
C ASP A 276 -19.44 -14.27 30.17
N LEU A 277 -20.11 -14.23 29.03
CA LEU A 277 -19.65 -13.48 27.86
C LEU A 277 -20.84 -12.91 27.12
N PRO A 278 -20.64 -11.79 26.40
CA PRO A 278 -21.70 -11.36 25.49
C PRO A 278 -22.03 -12.47 24.49
N ALA A 279 -23.28 -12.50 24.01
CA ALA A 279 -23.75 -13.55 23.12
C ALA A 279 -22.85 -13.72 21.90
N TYR A 280 -22.42 -12.61 21.32
CA TYR A 280 -21.55 -12.63 20.14
C TYR A 280 -20.29 -13.49 20.39
N TRP A 281 -19.67 -13.31 21.54
CA TRP A 281 -18.44 -14.01 21.88
C TRP A 281 -18.69 -15.44 22.36
N LYS A 282 -19.85 -15.68 22.98
CA LYS A 282 -20.25 -17.04 23.32
C LYS A 282 -20.34 -17.91 22.08
N HIS A 283 -20.92 -17.36 21.00
CA HIS A 283 -21.05 -18.10 19.75
C HIS A 283 -19.68 -18.46 19.18
N VAL A 284 -18.70 -17.58 19.33
CA VAL A 284 -17.34 -17.86 18.84
C VAL A 284 -16.70 -18.99 19.65
N VAL A 285 -16.89 -18.97 20.97
CA VAL A 285 -16.40 -20.07 21.80
C VAL A 285 -17.08 -21.38 21.39
N ALA A 286 -18.37 -21.31 21.07
CA ALA A 286 -19.10 -22.49 20.62
C ALA A 286 -18.53 -23.05 19.31
N LEU A 287 -18.14 -22.17 18.39
CA LEU A 287 -17.47 -22.59 17.16
C LEU A 287 -16.22 -23.41 17.48
N PHE A 288 -15.43 -22.93 18.44
CA PHE A 288 -14.23 -23.66 18.87
C PHE A 288 -14.56 -24.99 19.55
N GLU A 289 -15.64 -25.06 20.33
CA GLU A 289 -16.08 -26.34 20.89
C GLU A 289 -16.53 -27.31 19.79
N ALA A 290 -17.25 -26.80 18.79
CA ALA A 290 -17.68 -27.65 17.68
C ALA A 290 -16.47 -28.22 16.94
N HIS A 291 -15.48 -27.36 16.68
CA HIS A 291 -14.26 -27.75 16.00
C HIS A 291 -13.47 -28.79 16.80
N ARG A 292 -13.47 -28.66 18.13
CA ARG A 292 -12.81 -29.64 19.01
C ARG A 292 -13.48 -31.01 18.88
N GLN A 293 -14.81 -31.03 18.81
CA GLN A 293 -15.54 -32.28 18.65
C GLN A 293 -15.11 -33.00 17.37
N VAL A 294 -14.95 -32.23 16.30
CA VAL A 294 -14.50 -32.77 15.02
C VAL A 294 -13.07 -33.28 15.12
N ARG A 295 -12.17 -32.41 15.57
CA ARG A 295 -10.74 -32.70 15.51
C ARG A 295 -10.23 -33.67 16.58
N HIS A 296 -10.91 -33.73 17.72
CA HIS A 296 -10.53 -34.65 18.79
C HIS A 296 -11.50 -35.83 18.93
N GLU A 297 -12.35 -36.01 17.91
CA GLU A 297 -13.22 -37.18 17.79
C GLU A 297 -14.14 -37.36 19.00
N ASP A 298 -14.80 -36.27 19.39
CA ASP A 298 -15.82 -36.29 20.44
C ASP A 298 -17.23 -36.17 19.83
N THR A 299 -18.23 -36.46 20.65
CA THR A 299 -19.61 -36.49 20.20
C THR A 299 -20.07 -35.11 19.73
N PRO A 300 -20.53 -34.99 18.47
CA PRO A 300 -21.06 -33.73 17.99
C PRO A 300 -22.28 -33.28 18.78
N ASP A 301 -22.30 -32.02 19.21
CA ASP A 301 -23.40 -31.46 19.98
C ASP A 301 -24.34 -30.72 19.04
N ARG A 302 -25.48 -31.34 18.72
CA ARG A 302 -26.42 -30.72 17.78
C ARG A 302 -27.23 -29.60 18.43
N ALA A 303 -27.33 -29.61 19.76
CA ALA A 303 -27.95 -28.51 20.49
C ALA A 303 -27.06 -27.26 20.41
N LEU A 304 -25.75 -27.47 20.41
CA LEU A 304 -24.78 -26.39 20.21
C LEU A 304 -25.04 -25.74 18.85
N LEU A 305 -25.10 -26.57 17.82
CA LEU A 305 -25.32 -26.11 16.46
C LEU A 305 -26.59 -25.27 16.35
N ALA A 306 -27.67 -25.74 16.95
CA ALA A 306 -28.98 -25.09 16.85
C ALA A 306 -29.02 -23.68 17.44
N ALA A 307 -28.20 -23.42 18.45
CA ALA A 307 -28.18 -22.11 19.13
C ALA A 307 -27.34 -21.05 18.40
N LEU A 308 -26.59 -21.47 17.38
CA LEU A 308 -25.72 -20.54 16.64
C LEU A 308 -26.50 -19.65 15.67
N PRO A 309 -25.96 -18.46 15.36
CA PRO A 309 -26.45 -17.66 14.24
C PRO A 309 -26.47 -18.49 12.96
N GLU A 310 -27.47 -18.24 12.10
CA GLU A 310 -27.67 -19.03 10.89
C GLU A 310 -26.44 -19.08 9.98
N VAL A 311 -25.72 -17.95 9.88
CA VAL A 311 -24.50 -17.90 9.07
C VAL A 311 -23.50 -18.95 9.54
N TYR A 312 -23.35 -19.10 10.86
CA TYR A 312 -22.40 -20.08 11.40
C TYR A 312 -22.90 -21.51 11.23
N ARG A 313 -24.20 -21.73 11.44
CA ARG A 313 -24.82 -23.04 11.26
C ARG A 313 -24.53 -23.56 9.85
N GLN A 314 -24.79 -22.71 8.86
CA GLN A 314 -24.56 -23.05 7.45
C GLN A 314 -23.11 -23.41 7.18
N SER A 315 -22.17 -22.61 7.71
CA SER A 315 -20.75 -22.87 7.51
C SER A 315 -20.36 -24.24 8.08
N LEU A 316 -20.81 -24.54 9.30
CA LEU A 316 -20.51 -25.84 9.92
C LEU A 316 -21.16 -27.01 9.17
N ALA A 317 -22.40 -26.82 8.74
CA ALA A 317 -23.15 -27.89 8.07
C ALA A 317 -22.51 -28.29 6.75
N VAL A 318 -22.00 -27.30 6.03
CA VAL A 318 -21.39 -27.53 4.72
C VAL A 318 -19.94 -28.01 4.85
N LYS A 319 -19.21 -27.47 5.82
CA LYS A 319 -17.81 -27.86 6.03
C LYS A 319 -17.69 -29.27 6.63
N TRP A 320 -18.58 -29.61 7.56
CA TRP A 320 -18.54 -30.90 8.26
C TRP A 320 -19.91 -31.57 8.25
N PRO A 321 -20.40 -31.98 7.06
CA PRO A 321 -21.75 -32.53 6.92
C PRO A 321 -21.99 -33.83 7.71
N GLY A 322 -20.93 -34.60 7.92
CA GLY A 322 -21.02 -35.81 8.74
C GLY A 322 -21.26 -35.53 10.22
N HIS A 323 -20.85 -34.34 10.68
CA HIS A 323 -21.00 -33.94 12.07
C HIS A 323 -22.20 -33.00 12.28
N PHE A 324 -22.39 -32.05 11.38
CA PHE A 324 -23.39 -31.00 11.57
C PHE A 324 -24.37 -30.80 10.39
N GLY A 325 -24.41 -31.76 9.47
CA GLY A 325 -25.29 -31.69 8.30
C GLY A 325 -26.61 -32.40 8.50
N THR B 1 -8.08 4.56 -16.26
CA THR B 1 -6.85 4.41 -17.08
C THR B 1 -6.66 5.64 -17.97
N PHE B 2 -5.44 6.18 -17.99
CA PHE B 2 -5.12 7.34 -18.80
C PHE B 2 -3.84 7.07 -19.58
N GLY B 3 -3.67 7.79 -20.68
CA GLY B 3 -2.46 7.65 -21.50
C GLY B 3 -1.23 8.23 -20.83
N THR B 4 -1.37 9.47 -20.33
CA THR B 4 -0.26 10.19 -19.70
C THR B 4 -0.64 10.63 -18.29
N PHE B 5 0.35 11.01 -17.49
CA PHE B 5 0.08 11.54 -16.16
C PHE B 5 -0.81 12.78 -16.21
N GLN B 6 -0.56 13.68 -17.15
CA GLN B 6 -1.33 14.92 -17.19
C GLN B 6 -2.84 14.67 -17.25
N ASP B 7 -3.25 13.71 -18.08
CA ASP B 7 -4.67 13.38 -18.20
C ASP B 7 -5.26 12.92 -16.85
N ALA B 8 -4.54 12.01 -16.19
CA ALA B 8 -4.96 11.49 -14.88
C ALA B 8 -4.97 12.59 -13.83
N TYR B 9 -3.93 13.41 -13.84
CA TYR B 9 -3.76 14.51 -12.89
C TYR B 9 -4.95 15.47 -12.90
N LEU B 10 -5.33 15.93 -14.10
CA LEU B 10 -6.41 16.88 -14.26
C LEU B 10 -7.78 16.27 -13.92
N SER B 11 -7.97 15.02 -14.33
CA SER B 11 -9.20 14.29 -14.02
C SER B 11 -9.40 14.16 -12.52
N GLN B 12 -8.35 13.74 -11.81
CA GLN B 12 -8.39 13.59 -10.37
C GLN B 12 -8.62 14.93 -9.68
N LEU B 13 -7.97 15.95 -10.19
CA LEU B 13 -8.13 17.25 -9.62
C LEU B 13 -9.57 17.72 -9.74
N ARG B 14 -10.16 17.45 -10.88
CA ARG B 14 -11.54 17.86 -11.06
C ARG B 14 -12.52 17.02 -10.24
N ASP B 15 -12.23 15.74 -10.03
CA ASP B 15 -13.03 14.89 -9.12
C ASP B 15 -13.06 15.43 -7.70
N ILE B 16 -11.88 15.78 -7.17
CA ILE B 16 -11.77 16.20 -5.78
C ILE B 16 -12.39 17.59 -5.62
N TYR B 17 -12.17 18.44 -6.61
CA TYR B 17 -12.68 19.80 -6.56
C TYR B 17 -14.20 19.82 -6.59
N HIS B 18 -14.79 19.09 -7.54
CA HIS B 18 -16.24 19.11 -7.74
C HIS B 18 -17.02 18.20 -6.79
N SER B 19 -16.47 17.03 -6.50
CA SER B 19 -17.18 16.04 -5.70
C SER B 19 -16.31 15.47 -4.58
N PRO B 20 -15.87 16.34 -3.66
CA PRO B 20 -15.12 15.81 -2.52
C PRO B 20 -16.01 14.91 -1.66
N GLU B 21 -15.47 13.80 -1.20
CA GLU B 21 -16.21 12.92 -0.30
C GLU B 21 -16.30 13.55 1.09
N PHE B 22 -15.26 14.28 1.47
CA PHE B 22 -15.19 14.91 2.79
C PHE B 22 -14.50 16.27 2.72
N ARG B 23 -14.90 17.15 3.63
CA ARG B 23 -14.18 18.39 3.89
C ARG B 23 -13.80 18.38 5.38
N ASN B 24 -12.51 18.41 5.65
CA ASN B 24 -12.02 18.25 7.02
C ASN B 24 -10.66 18.93 7.15
N ALA B 25 -9.98 18.72 8.28
CA ALA B 25 -8.75 19.44 8.56
C ALA B 25 -7.77 18.60 9.39
N PRO B 26 -7.12 17.61 8.75
CA PRO B 26 -6.10 16.83 9.43
C PRO B 26 -4.92 17.71 9.84
N ARG B 27 -4.52 17.63 11.10
CA ARG B 27 -3.48 18.50 11.66
C ARG B 27 -3.78 19.98 11.42
N GLY B 28 -5.06 20.34 11.42
CA GLY B 28 -5.51 21.72 11.22
C GLY B 28 -5.45 22.25 9.80
N GLN B 29 -5.24 21.36 8.83
CA GLN B 29 -5.09 21.76 7.43
C GLN B 29 -6.38 21.51 6.66
N ALA B 30 -7.20 22.55 6.51
CA ALA B 30 -8.50 22.43 5.83
C ALA B 30 -8.33 21.93 4.40
N SER B 31 -9.16 20.94 4.02
CA SER B 31 -8.98 20.22 2.76
C SER B 31 -10.29 19.73 2.15
N ARG B 32 -10.25 19.51 0.83
CA ARG B 32 -11.25 18.71 0.12
C ARG B 32 -10.59 17.35 -0.12
N GLU B 33 -11.31 16.27 0.12
CA GLU B 33 -10.71 14.95 0.16
C GLU B 33 -11.57 13.87 -0.50
N ARG B 34 -10.87 12.92 -1.14
CA ARG B 34 -11.48 11.66 -1.56
C ARG B 34 -10.64 10.50 -1.01
N ILE B 35 -11.27 9.36 -0.76
CA ILE B 35 -10.63 8.23 -0.11
C ILE B 35 -10.41 7.08 -1.11
N GLY B 36 -9.24 6.45 -1.05
CA GLY B 36 -8.96 5.23 -1.81
C GLY B 36 -8.99 5.47 -3.31
N ALA B 37 -8.32 6.53 -3.74
CA ALA B 37 -8.34 6.97 -5.13
C ALA B 37 -7.06 6.58 -5.85
N GLY B 38 -7.22 6.14 -7.09
CA GLY B 38 -6.07 5.72 -7.87
C GLY B 38 -6.26 5.90 -9.36
N PHE B 39 -5.22 5.56 -10.10
CA PHE B 39 -5.28 5.60 -11.56
C PHE B 39 -4.15 4.76 -12.15
N ARG B 40 -4.25 4.51 -13.45
CA ARG B 40 -3.31 3.69 -14.18
C ARG B 40 -2.82 4.50 -15.37
N LEU B 41 -1.49 4.58 -15.53
CA LEU B 41 -0.89 5.29 -16.65
C LEU B 41 -0.32 4.33 -17.68
N LEU B 42 -0.72 4.48 -18.94
CA LEU B 42 -0.23 3.62 -20.01
C LEU B 42 1.21 3.93 -20.43
N ASP B 43 1.59 5.21 -20.36
CA ASP B 43 2.95 5.63 -20.73
C ASP B 43 3.58 6.45 -19.60
N PRO B 44 4.22 5.76 -18.64
CA PRO B 44 4.80 6.41 -17.46
C PRO B 44 5.97 7.37 -17.75
N VAL B 45 6.59 7.26 -18.91
CA VAL B 45 7.67 8.17 -19.28
C VAL B 45 7.12 9.58 -19.53
N GLN B 46 5.88 9.66 -20.00
CA GLN B 46 5.21 10.96 -20.21
C GLN B 46 4.66 11.45 -18.87
N ARG B 47 5.58 11.88 -18.01
CA ARG B 47 5.32 12.05 -16.59
C ARG B 47 5.15 13.50 -16.16
N HIS B 48 5.13 14.42 -17.11
CA HIS B 48 5.25 15.85 -16.84
C HIS B 48 3.90 16.55 -16.99
N ILE B 49 3.75 17.67 -16.28
CA ILE B 49 2.58 18.54 -16.42
C ILE B 49 3.01 19.76 -17.23
N SER B 50 2.30 20.00 -18.34
CA SER B 50 2.65 21.10 -19.25
C SER B 50 1.62 22.23 -19.29
N VAL B 51 0.57 22.14 -18.47
CA VAL B 51 -0.44 23.20 -18.37
C VAL B 51 0.22 24.45 -17.79
N PRO B 52 0.33 25.54 -18.59
CA PRO B 52 1.10 26.69 -18.11
C PRO B 52 0.68 27.25 -16.75
N ALA B 53 -0.63 27.24 -16.47
CA ALA B 53 -1.15 27.74 -15.19
C ALA B 53 -0.57 27.01 -13.96
N ARG B 54 -0.23 25.73 -14.14
CA ARG B 54 0.34 24.93 -13.06
C ARG B 54 1.82 25.28 -12.79
N ARG B 55 2.51 25.82 -13.81
CA ARG B 55 3.91 26.23 -13.68
C ARG B 55 4.80 25.11 -13.12
N ALA B 56 4.62 23.91 -13.64
CA ALA B 56 5.37 22.74 -13.18
C ALA B 56 6.86 22.96 -13.37
N ASN B 57 7.63 22.61 -12.34
CA ASN B 57 9.06 22.92 -12.30
C ASN B 57 9.88 21.66 -12.56
N VAL B 58 10.29 21.47 -13.81
CA VAL B 58 11.02 20.27 -14.23
C VAL B 58 12.39 20.17 -13.56
N VAL B 59 12.96 21.31 -13.14
CA VAL B 59 14.25 21.29 -12.46
C VAL B 59 14.06 20.65 -11.09
N PHE B 60 13.05 21.08 -10.35
CA PHE B 60 12.75 20.46 -9.07
C PHE B 60 12.45 18.97 -9.24
N ASN B 61 11.70 18.64 -10.28
CA ASN B 61 11.33 17.24 -10.53
C ASN B 61 12.55 16.34 -10.61
N PHE B 62 13.52 16.72 -11.44
CA PHE B 62 14.75 15.95 -11.57
C PHE B 62 15.59 16.01 -10.28
N ALA B 63 15.61 17.17 -9.64
CA ALA B 63 16.37 17.36 -8.40
C ALA B 63 15.87 16.41 -7.30
N GLU B 64 14.55 16.30 -7.16
CA GLU B 64 13.98 15.42 -6.15
C GLU B 64 14.30 13.96 -6.46
N ALA B 65 14.14 13.58 -7.72
CA ALA B 65 14.42 12.21 -8.15
C ALA B 65 15.89 11.85 -7.91
N LEU B 66 16.79 12.76 -8.26
CA LEU B 66 18.23 12.52 -8.06
C LEU B 66 18.64 12.58 -6.59
N TRP B 67 17.98 13.45 -5.82
CA TRP B 67 18.13 13.47 -4.36
C TRP B 67 17.79 12.09 -3.78
N TYR B 68 16.70 11.49 -4.22
CA TYR B 68 16.36 10.11 -3.81
C TYR B 68 17.46 9.11 -4.22
N LEU B 69 17.88 9.18 -5.47
CA LEU B 69 18.92 8.25 -5.96
C LEU B 69 20.24 8.41 -5.20
N SER B 70 20.53 9.61 -4.71
CA SER B 70 21.73 9.86 -3.93
C SER B 70 21.69 9.24 -2.52
N GLY B 71 20.50 8.85 -2.08
CA GLY B 71 20.32 8.25 -0.75
C GLY B 71 20.39 9.26 0.39
N SER B 72 20.28 10.54 0.07
CA SER B 72 20.56 11.61 1.02
C SER B 72 19.32 12.02 1.80
N ASP B 73 19.51 12.41 3.05
CA ASP B 73 18.46 13.04 3.85
C ASP B 73 18.70 14.55 4.04
N ARG B 74 19.67 15.10 3.32
CA ARG B 74 20.12 16.47 3.60
C ARG B 74 19.19 17.53 3.03
N LEU B 75 18.87 18.51 3.87
CA LEU B 75 17.98 19.60 3.51
C LEU B 75 18.60 20.57 2.50
N ASP B 76 19.91 20.82 2.64
CA ASP B 76 20.57 21.84 1.81
C ASP B 76 20.43 21.57 0.31
N PHE B 77 20.58 20.31 -0.08
CA PHE B 77 20.40 19.89 -1.48
C PHE B 77 19.01 20.30 -1.98
N ILE B 78 17.98 19.83 -1.29
CA ILE B 78 16.63 19.89 -1.83
C ILE B 78 15.98 21.26 -1.64
N GLN B 79 16.30 21.96 -0.54
CA GLN B 79 15.67 23.25 -0.26
C GLN B 79 16.10 24.34 -1.25
N TYR B 80 17.27 24.16 -1.84
CA TYR B 80 17.75 25.01 -2.93
C TYR B 80 16.76 25.03 -4.10
N TYR B 81 16.09 23.89 -4.34
CA TYR B 81 15.10 23.78 -5.41
C TYR B 81 13.68 24.05 -4.93
N ALA B 82 13.43 23.85 -3.64
CA ALA B 82 12.09 24.02 -3.07
C ALA B 82 12.17 24.66 -1.67
N PRO B 83 12.26 26.00 -1.61
CA PRO B 83 12.53 26.68 -0.33
C PRO B 83 11.54 26.33 0.80
N GLY B 84 10.27 26.17 0.47
CA GLY B 84 9.24 25.85 1.48
C GLY B 84 9.41 24.51 2.17
N ILE B 85 10.27 23.65 1.63
CA ILE B 85 10.44 22.30 2.17
C ILE B 85 11.09 22.29 3.57
N ALA B 86 11.78 23.37 3.93
CA ALA B 86 12.40 23.49 5.25
C ALA B 86 11.38 23.46 6.39
N ALA B 87 10.12 23.76 6.09
CA ALA B 87 9.03 23.69 7.07
C ALA B 87 8.86 22.27 7.66
N TYR B 88 9.31 21.26 6.92
CA TYR B 88 9.22 19.87 7.36
C TYR B 88 10.51 19.36 8.02
N SER B 89 11.50 20.22 8.16
CA SER B 89 12.76 19.88 8.82
C SER B 89 12.73 20.36 10.27
N ALA B 90 12.80 19.42 11.21
CA ALA B 90 12.80 19.76 12.63
C ALA B 90 14.14 20.33 13.09
N ASP B 91 15.23 19.85 12.49
CA ASP B 91 16.60 20.19 12.92
C ASP B 91 17.29 21.24 12.05
N GLY B 92 16.66 21.60 10.92
CA GLY B 92 17.21 22.58 10.00
C GLY B 92 18.34 22.09 9.11
N ARG B 93 18.61 20.78 9.12
CA ARG B 93 19.63 20.23 8.22
C ARG B 93 19.26 18.88 7.56
N THR B 94 18.27 18.17 8.09
CA THR B 94 17.79 16.94 7.48
C THR B 94 16.28 16.86 7.42
N LEU B 95 15.79 15.99 6.55
CA LEU B 95 14.38 15.73 6.41
C LEU B 95 14.09 14.31 6.81
N ARG B 96 12.86 14.03 7.19
CA ARG B 96 12.73 12.70 7.79
C ARG B 96 11.87 11.80 6.93
N GLY B 97 10.52 11.82 7.07
CA GLY B 97 9.60 11.19 6.15
C GLY B 97 9.59 11.71 4.73
N THR B 98 10.07 12.91 4.52
CA THR B 98 10.17 13.49 3.17
C THR B 98 11.36 12.90 2.39
N ALA B 99 12.38 12.44 3.10
CA ALA B 99 13.59 11.89 2.48
C ALA B 99 13.41 10.41 2.11
N TYR B 100 12.93 10.15 0.90
CA TYR B 100 12.77 8.76 0.45
C TYR B 100 14.09 8.06 0.11
N GLY B 101 15.15 8.84 -0.14
CA GLY B 101 16.45 8.27 -0.50
C GLY B 101 16.92 7.18 0.46
N PRO B 102 17.07 7.53 1.75
CA PRO B 102 17.48 6.54 2.76
C PRO B 102 16.47 5.41 2.91
N ARG B 103 15.19 5.69 2.71
CA ARG B 103 14.19 4.62 2.80
C ARG B 103 14.42 3.57 1.71
N ILE B 104 14.81 4.01 0.52
CA ILE B 104 15.01 3.10 -0.61
C ILE B 104 16.32 2.29 -0.47
N PHE B 105 17.40 3.00 -0.15
CA PHE B 105 18.76 2.47 -0.25
C PHE B 105 19.42 2.11 1.08
N ARG B 106 18.85 2.57 2.19
CA ARG B 106 19.34 2.21 3.52
C ARG B 106 18.23 2.34 4.55
N HIS B 107 17.17 1.56 4.37
CA HIS B 107 15.97 1.74 5.17
C HIS B 107 16.30 1.58 6.66
N PRO B 108 15.76 2.49 7.51
CA PRO B 108 16.11 2.46 8.93
C PRO B 108 15.73 1.17 9.68
N ALA B 109 14.79 0.39 9.14
CA ALA B 109 14.49 -0.94 9.66
C ALA B 109 15.47 -1.96 9.08
N GLY B 110 16.67 -2.01 9.67
CA GLY B 110 17.71 -2.98 9.29
C GLY B 110 18.86 -2.44 8.43
N GLY B 111 18.74 -1.22 7.94
CA GLY B 111 19.77 -0.60 7.10
C GLY B 111 19.85 -1.24 5.71
N VAL B 112 18.69 -1.54 5.15
CA VAL B 112 18.60 -2.39 3.97
C VAL B 112 18.60 -1.60 2.66
N ASN B 113 19.41 -2.03 1.71
CA ASN B 113 19.33 -1.51 0.35
C ASN B 113 18.27 -2.29 -0.39
N GLN B 114 17.05 -1.77 -0.37
CA GLN B 114 15.90 -2.47 -0.93
C GLN B 114 15.92 -2.47 -2.46
N TRP B 115 16.48 -1.42 -3.05
CA TRP B 115 16.60 -1.38 -4.51
C TRP B 115 17.40 -2.57 -5.02
N GLU B 116 18.55 -2.82 -4.40
CA GLU B 116 19.37 -3.97 -4.77
C GLU B 116 18.61 -5.29 -4.61
N ASN B 117 17.83 -5.40 -3.54
CA ASN B 117 17.07 -6.62 -3.29
C ASN B 117 15.95 -6.81 -4.31
N VAL B 118 15.34 -5.72 -4.73
CA VAL B 118 14.33 -5.76 -5.79
C VAL B 118 14.95 -6.25 -7.10
N VAL B 119 16.12 -5.71 -7.45
CA VAL B 119 16.84 -6.11 -8.65
C VAL B 119 17.18 -7.60 -8.61
N LYS B 120 17.74 -8.05 -7.49
CA LYS B 120 18.08 -9.46 -7.30
C LYS B 120 16.84 -10.34 -7.42
N THR B 121 15.78 -9.95 -6.72
CA THR B 121 14.52 -10.70 -6.69
C THR B 121 13.94 -10.89 -8.09
N LEU B 122 13.90 -9.81 -8.88
CA LEU B 122 13.36 -9.86 -10.25
C LEU B 122 14.29 -10.57 -11.23
N THR B 123 15.59 -10.57 -10.93
CA THR B 123 16.56 -11.33 -11.73
C THR B 123 16.40 -12.83 -11.48
N ASP B 124 16.28 -13.21 -10.22
CA ASP B 124 16.14 -14.62 -9.85
C ASP B 124 14.76 -15.19 -10.21
N ASP B 125 13.72 -14.36 -10.09
CA ASP B 125 12.37 -14.75 -10.45
C ASP B 125 11.65 -13.60 -11.17
N PRO B 126 11.72 -13.58 -12.51
CA PRO B 126 11.11 -12.49 -13.29
C PRO B 126 9.61 -12.27 -13.03
N ASP B 127 8.88 -13.33 -12.69
CA ASP B 127 7.44 -13.23 -12.43
C ASP B 127 7.10 -12.79 -10.99
N SER B 128 8.11 -12.52 -10.18
CA SER B 128 7.91 -12.30 -8.73
C SER B 128 6.85 -11.26 -8.38
N LYS B 129 6.07 -11.56 -7.34
CA LYS B 129 5.11 -10.61 -6.77
C LYS B 129 5.68 -9.93 -5.53
N ARG B 130 6.94 -10.21 -5.22
CA ARG B 130 7.56 -9.78 -3.96
C ARG B 130 8.45 -8.55 -4.07
N ALA B 131 8.60 -7.99 -5.27
CA ALA B 131 9.60 -6.95 -5.51
C ALA B 131 9.09 -5.59 -5.04
N VAL B 132 9.18 -5.38 -3.73
CA VAL B 132 8.59 -4.20 -3.09
C VAL B 132 9.69 -3.41 -2.38
N ILE B 133 9.63 -2.08 -2.52
CA ILE B 133 10.45 -1.16 -1.76
C ILE B 133 9.53 -0.46 -0.75
N GLN B 134 9.71 -0.78 0.52
CA GLN B 134 8.96 -0.15 1.60
C GLN B 134 9.53 1.23 1.89
N ILE B 135 8.65 2.19 2.16
CA ILE B 135 9.09 3.56 2.47
C ILE B 135 8.77 3.88 3.92
N PHE B 136 7.48 3.85 4.25
CA PHE B 136 6.97 4.09 5.61
C PHE B 136 7.63 3.17 6.64
N ASP B 137 7.78 3.67 7.87
CA ASP B 137 8.37 2.90 8.98
C ASP B 137 7.44 2.92 10.19
N PRO B 138 7.28 1.76 10.87
CA PRO B 138 6.40 1.69 12.05
C PRO B 138 6.71 2.68 13.18
N ARG B 139 7.94 3.16 13.28
CA ARG B 139 8.34 4.00 14.41
C ARG B 139 7.96 5.48 14.24
N GLU B 140 7.56 5.87 13.04
CA GLU B 140 7.24 7.26 12.75
C GLU B 140 6.04 7.76 13.58
N LEU B 141 5.10 6.86 13.89
CA LEU B 141 3.94 7.21 14.72
C LEU B 141 4.20 7.09 16.21
N ALA B 142 5.35 6.55 16.60
CA ALA B 142 5.62 6.23 18.01
C ALA B 142 5.87 7.48 18.85
N VAL B 143 6.40 8.52 18.21
CA VAL B 143 6.72 9.79 18.88
C VAL B 143 5.68 10.85 18.52
N ALA B 144 5.25 11.62 19.51
CA ALA B 144 4.26 12.70 19.29
C ALA B 144 4.90 13.92 18.65
N ASP B 145 4.09 14.74 17.98
CA ASP B 145 4.52 15.98 17.33
C ASP B 145 5.65 15.79 16.32
N ASN B 146 5.56 14.70 15.57
CA ASN B 146 6.42 14.43 14.42
C ASN B 146 5.91 15.27 13.25
N ILE B 147 6.72 16.20 12.75
CA ILE B 147 6.25 17.10 11.68
C ILE B 147 6.47 16.54 10.27
N ASP B 148 7.07 15.36 10.15
CA ASP B 148 7.44 14.82 8.84
C ASP B 148 7.35 13.29 8.80
N VAL B 149 6.13 12.79 8.66
CA VAL B 149 5.86 11.35 8.59
C VAL B 149 5.71 10.95 7.12
N ALA B 150 6.43 9.92 6.70
CA ALA B 150 6.36 9.45 5.32
C ALA B 150 4.91 9.21 4.90
N CYS B 151 4.52 9.74 3.74
CA CYS B 151 3.17 9.48 3.23
C CYS B 151 3.14 8.41 2.14
N THR B 152 4.30 7.95 1.68
CA THR B 152 4.36 6.81 0.78
C THR B 152 4.58 5.54 1.60
N LEU B 153 3.77 4.51 1.31
CA LEU B 153 3.90 3.22 2.01
C LEU B 153 4.93 2.33 1.35
N ALA B 154 4.82 2.20 0.02
CA ALA B 154 5.66 1.28 -0.73
C ALA B 154 5.61 1.53 -2.23
N LEU B 155 6.65 1.09 -2.92
CA LEU B 155 6.71 1.05 -4.38
C LEU B 155 6.96 -0.39 -4.79
N GLN B 156 6.17 -0.89 -5.73
CA GLN B 156 6.29 -2.27 -6.21
C GLN B 156 6.62 -2.28 -7.69
N PHE B 157 7.49 -3.21 -8.09
CA PHE B 157 7.82 -3.40 -9.50
C PHE B 157 7.53 -4.84 -9.90
N LEU B 158 6.95 -5.01 -11.09
CA LEU B 158 6.67 -6.33 -11.64
C LEU B 158 7.08 -6.36 -13.10
N ILE B 159 7.66 -7.47 -13.53
CA ILE B 159 7.96 -7.68 -14.94
C ILE B 159 6.83 -8.49 -15.55
N ARG B 160 6.10 -7.87 -16.47
CA ARG B 160 4.97 -8.50 -17.11
C ARG B 160 5.06 -8.32 -18.62
N ASP B 161 5.09 -9.45 -19.34
CA ASP B 161 5.30 -9.48 -20.79
C ASP B 161 6.55 -8.70 -21.21
N GLY B 162 7.64 -8.90 -20.47
CA GLY B 162 8.92 -8.27 -20.77
C GLY B 162 9.02 -6.80 -20.43
N LEU B 163 8.02 -6.25 -19.75
CA LEU B 163 7.96 -4.82 -19.43
C LEU B 163 7.91 -4.62 -17.93
N LEU B 164 8.64 -3.62 -17.43
CA LEU B 164 8.62 -3.32 -15.99
C LEU B 164 7.46 -2.41 -15.65
N CYS B 165 6.54 -2.92 -14.85
CA CYS B 165 5.40 -2.15 -14.36
C CYS B 165 5.67 -1.68 -12.95
N GLY B 166 5.09 -0.55 -12.59
CA GLY B 166 5.28 0.04 -11.28
C GLY B 166 3.95 0.31 -10.58
N ILE B 167 3.96 0.21 -9.26
CA ILE B 167 2.81 0.57 -8.45
C ILE B 167 3.29 1.36 -7.25
N GLY B 168 2.75 2.57 -7.10
CA GLY B 168 3.01 3.39 -5.92
C GLY B 168 1.81 3.31 -4.97
N TYR B 169 2.08 2.97 -3.71
CA TYR B 169 1.05 2.93 -2.68
C TYR B 169 1.32 4.04 -1.67
N MET B 170 0.37 4.96 -1.48
CA MET B 170 0.52 6.07 -0.54
C MET B 170 -0.65 6.09 0.44
N ARG B 171 -0.39 6.48 1.69
CA ARG B 171 -1.46 6.71 2.66
C ARG B 171 -2.16 8.05 2.42
N ALA B 172 -1.45 8.99 1.81
CA ALA B 172 -1.95 10.35 1.61
C ALA B 172 -1.16 11.01 0.50
N ASN B 173 -1.83 11.88 -0.26
CA ASN B 173 -1.17 12.59 -1.35
C ASN B 173 -1.88 13.91 -1.65
N ASP B 174 -1.11 14.99 -1.69
CA ASP B 174 -1.61 16.29 -2.14
C ASP B 174 -1.83 16.19 -3.64
N ALA B 175 -3.10 16.18 -4.04
CA ALA B 175 -3.45 15.96 -5.45
C ALA B 175 -3.06 17.13 -6.34
N PHE B 176 -2.82 18.30 -5.76
CA PHE B 176 -2.49 19.47 -6.57
C PHE B 176 -0.98 19.73 -6.68
N ARG B 177 -0.31 19.79 -5.55
CA ARG B 177 1.14 20.05 -5.51
C ARG B 177 1.93 18.74 -5.54
N GLY B 178 1.96 18.04 -4.40
CA GLY B 178 2.83 16.87 -4.19
C GLY B 178 2.72 15.77 -5.25
N ALA B 179 1.51 15.47 -5.70
CA ALA B 179 1.31 14.43 -6.71
C ALA B 179 2.15 14.64 -7.96
N VAL B 180 2.36 15.89 -8.36
CA VAL B 180 3.15 16.20 -9.55
C VAL B 180 4.57 15.65 -9.41
N SER B 181 5.23 15.94 -8.29
CA SER B 181 6.59 15.46 -8.07
C SER B 181 6.66 13.99 -7.65
N ASP B 182 5.65 13.51 -6.93
CA ASP B 182 5.62 12.11 -6.50
C ASP B 182 5.52 11.16 -7.69
N VAL B 183 4.56 11.42 -8.58
CA VAL B 183 4.40 10.57 -9.76
C VAL B 183 5.62 10.71 -10.69
N PHE B 184 6.14 11.93 -10.81
CA PHE B 184 7.38 12.12 -11.57
C PHE B 184 8.48 11.21 -11.01
N SER B 185 8.72 11.29 -9.70
CA SER B 185 9.82 10.54 -9.10
C SER B 185 9.63 9.02 -9.15
N PHE B 186 8.40 8.55 -8.89
CA PHE B 186 8.15 7.12 -8.88
C PHE B 186 8.27 6.51 -10.29
N THR B 187 7.74 7.20 -11.30
CA THR B 187 7.89 6.75 -12.70
C THR B 187 9.33 6.93 -13.20
N PHE B 188 10.05 7.90 -12.65
CA PHE B 188 11.47 8.07 -12.96
C PHE B 188 12.26 6.87 -12.42
N LEU B 189 11.99 6.49 -11.18
CA LEU B 189 12.65 5.32 -10.59
C LEU B 189 12.26 4.05 -11.35
N GLN B 190 11.00 3.94 -11.75
CA GLN B 190 10.54 2.82 -12.56
C GLN B 190 11.34 2.72 -13.86
N GLU B 191 11.43 3.83 -14.59
CA GLU B 191 12.18 3.83 -15.85
C GLU B 191 13.65 3.49 -15.62
N PHE B 192 14.25 4.13 -14.61
CA PHE B 192 15.65 3.89 -14.27
C PHE B 192 15.92 2.41 -14.00
N THR B 193 15.03 1.78 -13.25
CA THR B 193 15.16 0.37 -12.93
C THR B 193 14.93 -0.50 -14.16
N ALA B 194 13.99 -0.11 -15.01
CA ALA B 194 13.75 -0.81 -16.27
C ALA B 194 14.99 -0.79 -17.16
N ARG B 195 15.61 0.37 -17.32
CA ARG B 195 16.81 0.48 -18.14
C ARG B 195 17.93 -0.39 -17.56
N TYR B 196 18.12 -0.31 -16.24
CA TYR B 196 19.11 -1.14 -15.56
C TYR B 196 18.93 -2.63 -15.86
N LEU B 197 17.68 -3.07 -15.83
CA LEU B 197 17.33 -4.48 -16.07
C LEU B 197 17.26 -4.85 -17.55
N GLY B 198 17.39 -3.87 -18.44
CA GLY B 198 17.31 -4.09 -19.89
C GLY B 198 15.91 -4.39 -20.38
N LEU B 199 14.92 -3.80 -19.72
CA LEU B 199 13.51 -4.04 -20.02
C LEU B 199 12.84 -2.80 -20.59
N GLY B 200 11.74 -3.00 -21.30
CA GLY B 200 10.86 -1.91 -21.69
C GLY B 200 10.02 -1.44 -20.53
N ILE B 201 9.31 -0.34 -20.73
CA ILE B 201 8.47 0.26 -19.68
C ILE B 201 7.02 -0.18 -19.85
N GLY B 202 6.44 -0.70 -18.77
CA GLY B 202 5.03 -1.10 -18.77
C GLY B 202 4.16 0.03 -18.26
N THR B 203 3.16 -0.33 -17.46
CA THR B 203 2.22 0.63 -16.89
C THR B 203 2.68 1.11 -15.52
N TYR B 204 2.08 2.19 -15.03
CA TYR B 204 2.27 2.65 -13.66
C TYR B 204 0.91 2.82 -12.99
N HIS B 205 0.76 2.22 -11.81
CA HIS B 205 -0.46 2.38 -11.00
C HIS B 205 -0.15 3.23 -9.78
N HIS B 206 -1.07 4.15 -9.47
CA HIS B 206 -0.94 5.01 -8.32
C HIS B 206 -2.19 4.79 -7.47
N VAL B 207 -2.02 4.49 -6.18
CA VAL B 207 -3.16 4.36 -5.28
C VAL B 207 -2.87 5.00 -3.93
N VAL B 208 -3.87 5.74 -3.44
CA VAL B 208 -3.70 6.62 -2.30
C VAL B 208 -4.89 6.54 -1.35
N GLY B 209 -4.60 6.41 -0.05
CA GLY B 209 -5.63 6.41 0.97
C GLY B 209 -6.44 7.69 0.99
N SER B 210 -5.76 8.82 1.20
CA SER B 210 -6.39 10.13 1.21
C SER B 210 -5.78 11.00 0.13
N VAL B 211 -6.55 11.30 -0.91
CA VAL B 211 -6.14 12.32 -1.89
C VAL B 211 -6.91 13.60 -1.62
N HIS B 212 -6.21 14.71 -1.65
CA HIS B 212 -6.80 15.96 -1.23
C HIS B 212 -6.26 17.22 -1.89
N ILE B 213 -7.10 18.25 -1.95
CA ILE B 213 -6.67 19.59 -2.32
C ILE B 213 -6.81 20.45 -1.07
N TYR B 214 -5.72 21.04 -0.62
CA TYR B 214 -5.78 21.94 0.53
C TYR B 214 -6.54 23.20 0.12
N ASP B 215 -7.39 23.68 1.02
CA ASP B 215 -8.15 24.92 0.77
C ASP B 215 -7.23 26.10 0.44
N SER B 216 -6.04 26.12 1.03
CA SER B 216 -5.04 27.17 0.74
C SER B 216 -4.54 27.16 -0.71
N ASP B 217 -4.77 26.06 -1.43
CA ASP B 217 -4.41 25.94 -2.84
C ASP B 217 -5.62 26.10 -3.77
N ALA B 218 -6.80 26.33 -3.20
CA ALA B 218 -8.05 26.35 -3.97
C ALA B 218 -8.03 27.33 -5.13
N ARG B 219 -7.55 28.55 -4.88
CA ARG B 219 -7.48 29.59 -5.91
C ARG B 219 -6.60 29.13 -7.08
N TRP B 220 -5.40 28.65 -6.77
CA TRP B 220 -4.45 28.21 -7.78
C TRP B 220 -4.99 26.97 -8.53
N ALA B 221 -5.59 26.04 -7.79
CA ALA B 221 -6.23 24.86 -8.40
C ALA B 221 -7.34 25.26 -9.36
N GLU B 222 -8.13 26.26 -8.97
CA GLU B 222 -9.19 26.79 -9.83
C GLU B 222 -8.62 27.39 -11.12
N ARG B 223 -7.53 28.13 -11.00
CA ARG B 223 -6.87 28.71 -12.16
C ARG B 223 -6.34 27.63 -13.10
N VAL B 224 -5.80 26.54 -12.54
CA VAL B 224 -5.34 25.42 -13.35
C VAL B 224 -6.51 24.72 -14.05
N LEU B 225 -7.61 24.53 -13.32
CA LEU B 225 -8.80 23.90 -13.90
C LEU B 225 -9.45 24.76 -15.00
N ASP B 226 -9.40 26.07 -14.83
CA ASP B 226 -9.92 26.99 -15.85
C ASP B 226 -9.09 27.07 -17.10
N ALA B 227 -7.81 26.78 -17.00
CA ALA B 227 -6.95 26.74 -18.15
C ALA B 227 -7.29 25.56 -19.05
N ALA B 228 -7.23 25.75 -20.35
CA ALA B 228 -7.27 24.60 -21.22
C ALA B 228 -7.62 24.94 -22.64
N PRO B 236 4.39 17.92 -27.16
CA PRO B 236 5.81 17.61 -27.01
C PRO B 236 6.04 16.46 -26.04
N GLY B 237 6.93 15.54 -26.40
CA GLY B 237 7.15 14.32 -25.62
C GLY B 237 8.30 14.42 -24.65
N PHE B 238 8.13 13.80 -23.47
CA PHE B 238 9.21 13.70 -22.49
C PHE B 238 10.24 12.71 -23.02
N PRO B 239 11.53 13.06 -22.96
CA PRO B 239 12.55 12.17 -23.54
C PRO B 239 12.77 10.89 -22.73
N ALA B 240 13.16 9.83 -23.42
CA ALA B 240 13.45 8.54 -22.79
C ALA B 240 14.87 8.51 -22.22
N MET B 241 14.98 7.97 -21.02
CA MET B 241 16.28 7.69 -20.41
C MET B 241 16.97 6.59 -21.20
N PRO B 242 18.30 6.70 -21.39
CA PRO B 242 19.00 5.71 -22.23
C PRO B 242 19.11 4.33 -21.60
N ASP B 243 19.22 3.32 -22.46
CA ASP B 243 19.27 1.92 -22.05
C ASP B 243 20.46 1.63 -21.16
N GLY B 244 20.34 0.56 -20.36
CA GLY B 244 21.45 0.06 -19.55
C GLY B 244 21.55 0.69 -18.19
N ASP B 245 22.71 0.51 -17.57
CA ASP B 245 22.99 0.97 -16.22
C ASP B 245 23.33 2.46 -16.24
N ASN B 246 22.44 3.28 -15.69
CA ASN B 246 22.64 4.72 -15.65
C ASN B 246 23.32 5.24 -14.37
N TRP B 247 23.69 4.35 -13.46
CA TRP B 247 24.34 4.77 -12.21
C TRP B 247 25.60 5.61 -12.43
N PRO B 248 26.51 5.16 -13.31
CA PRO B 248 27.71 5.97 -13.56
C PRO B 248 27.37 7.40 -14.00
N HIS B 249 26.35 7.55 -14.85
CA HIS B 249 25.94 8.87 -15.33
C HIS B 249 25.31 9.68 -14.20
N VAL B 250 24.47 9.03 -13.40
CA VAL B 250 23.89 9.67 -12.22
C VAL B 250 24.98 10.17 -11.27
N ARG B 251 26.03 9.39 -11.07
CA ARG B 251 27.13 9.82 -10.22
C ARG B 251 27.76 11.11 -10.75
N ARG B 252 28.01 11.18 -12.05
CA ARG B 252 28.60 12.38 -12.63
C ARG B 252 27.64 13.57 -12.58
N VAL B 253 26.36 13.31 -12.82
CA VAL B 253 25.33 14.35 -12.75
C VAL B 253 25.26 14.94 -11.34
N LEU B 254 25.38 14.08 -10.33
CA LEU B 254 25.38 14.53 -8.93
C LEU B 254 26.62 15.36 -8.58
N GLU B 255 27.76 15.06 -9.19
CA GLU B 255 28.96 15.90 -8.99
C GLU B 255 28.71 17.30 -9.52
N TRP B 256 28.17 17.40 -10.74
CA TRP B 256 27.84 18.70 -11.33
C TRP B 256 26.74 19.43 -10.55
N GLU B 257 25.72 18.69 -10.11
CA GLU B 257 24.64 19.27 -9.30
C GLU B 257 25.20 20.09 -8.14
N GLU B 258 26.14 19.51 -7.41
CA GLU B 258 26.69 20.15 -6.22
C GLU B 258 27.57 21.35 -6.59
N ARG B 259 28.38 21.21 -7.64
CA ARG B 259 29.24 22.31 -8.09
C ARG B 259 28.42 23.50 -8.57
N LEU B 260 27.33 23.22 -9.27
CA LEU B 260 26.46 24.28 -9.79
C LEU B 260 25.64 24.92 -8.67
N ARG B 261 25.08 24.10 -7.79
CA ARG B 261 24.27 24.60 -6.66
C ARG B 261 25.06 25.55 -5.74
N THR B 262 26.33 25.21 -5.50
CA THR B 262 27.19 26.01 -4.63
C THR B 262 27.88 27.15 -5.38
N ASN B 263 27.58 27.28 -6.67
CA ASN B 263 28.19 28.28 -7.55
C ASN B 263 29.72 28.20 -7.57
N ALA B 264 30.25 26.99 -7.43
CA ALA B 264 31.69 26.74 -7.50
C ALA B 264 32.14 26.64 -8.96
N ALA B 265 31.19 26.40 -9.85
CA ALA B 265 31.45 26.32 -11.28
C ALA B 265 30.23 26.79 -12.06
N ARG B 266 30.45 27.07 -13.35
CA ARG B 266 29.37 27.38 -14.28
C ARG B 266 29.71 26.77 -15.63
N LEU B 267 28.68 26.44 -16.41
CA LEU B 267 28.84 25.80 -17.70
C LEU B 267 28.20 26.59 -18.83
N SER B 268 29.00 26.94 -19.83
CA SER B 268 28.48 27.53 -21.05
C SER B 268 27.78 26.47 -21.90
N ALA B 269 26.96 26.93 -22.85
CA ALA B 269 26.28 26.02 -23.79
C ALA B 269 27.27 25.05 -24.44
N ASP B 270 28.42 25.56 -24.86
CA ASP B 270 29.46 24.72 -25.46
C ASP B 270 30.05 23.75 -24.45
N ALA B 271 30.25 24.20 -23.21
CA ALA B 271 30.79 23.34 -22.15
C ALA B 271 29.83 22.21 -21.81
N LEU B 272 28.53 22.49 -21.82
CA LEU B 272 27.50 21.48 -21.59
C LEU B 272 27.54 20.40 -22.68
N ASP B 273 27.63 20.83 -23.93
CA ASP B 273 27.69 19.90 -25.07
C ASP B 273 28.98 19.06 -25.04
N ALA B 274 30.03 19.61 -24.43
CA ALA B 274 31.33 18.93 -24.34
C ALA B 274 31.41 17.89 -23.23
N LEU B 275 30.41 17.86 -22.35
CA LEU B 275 30.39 16.92 -21.23
C LEU B 275 30.40 15.48 -21.73
N ASP B 276 31.15 14.62 -21.06
CA ASP B 276 31.22 13.22 -21.39
C ASP B 276 30.00 12.50 -20.78
N LEU B 277 28.81 12.81 -21.31
CA LEU B 277 27.57 12.21 -20.82
C LEU B 277 26.65 11.90 -22.00
N PRO B 278 25.75 10.92 -21.85
CA PRO B 278 24.71 10.78 -22.86
C PRO B 278 23.89 12.05 -22.96
N ALA B 279 23.34 12.33 -24.14
CA ALA B 279 22.57 13.55 -24.39
C ALA B 279 21.49 13.79 -23.32
N TYR B 280 20.77 12.73 -22.97
CA TYR B 280 19.73 12.80 -21.94
C TYR B 280 20.23 13.43 -20.65
N TRP B 281 21.39 12.98 -20.17
CA TRP B 281 21.94 13.49 -18.91
C TRP B 281 22.61 14.86 -19.07
N LYS B 282 23.12 15.17 -20.26
CA LYS B 282 23.63 16.52 -20.53
C LYS B 282 22.54 17.57 -20.31
N HIS B 283 21.33 17.27 -20.80
CA HIS B 283 20.19 18.18 -20.65
C HIS B 283 19.80 18.38 -19.18
N VAL B 284 19.96 17.34 -18.36
CA VAL B 284 19.65 17.46 -16.93
C VAL B 284 20.65 18.40 -16.26
N VAL B 285 21.94 18.23 -16.56
CA VAL B 285 22.96 19.14 -16.06
C VAL B 285 22.69 20.56 -16.57
N ALA B 286 22.21 20.67 -17.82
CA ALA B 286 21.83 21.97 -18.37
C ALA B 286 20.73 22.64 -17.56
N LEU B 287 19.75 21.86 -17.09
CA LEU B 287 18.69 22.38 -16.22
C LEU B 287 19.29 22.93 -14.93
N PHE B 288 20.28 22.25 -14.36
CA PHE B 288 20.93 22.72 -13.15
C PHE B 288 21.75 24.00 -13.39
N GLU B 289 22.39 24.12 -14.55
CA GLU B 289 23.07 25.37 -14.91
C GLU B 289 22.07 26.52 -15.08
N ALA B 290 20.94 26.26 -15.71
CA ALA B 290 19.88 27.26 -15.83
C ALA B 290 19.37 27.70 -14.45
N HIS B 291 19.23 26.73 -13.54
CA HIS B 291 18.77 27.01 -12.18
C HIS B 291 19.82 27.82 -11.40
N ARG B 292 21.10 27.52 -11.65
CA ARG B 292 22.20 28.31 -11.08
C ARG B 292 22.11 29.78 -11.52
N GLN B 293 21.80 30.00 -12.80
CA GLN B 293 21.62 31.37 -13.31
C GLN B 293 20.53 32.11 -12.54
N VAL B 294 19.42 31.42 -12.25
CA VAL B 294 18.32 32.01 -11.48
C VAL B 294 18.77 32.32 -10.05
N ARG B 295 19.24 31.29 -9.36
CA ARG B 295 19.55 31.37 -7.93
C ARG B 295 20.70 32.30 -7.58
N HIS B 296 21.72 32.34 -8.44
CA HIS B 296 22.91 33.14 -8.19
C HIS B 296 22.96 34.37 -9.08
N GLU B 297 21.82 34.70 -9.70
CA GLU B 297 21.67 35.95 -10.47
C GLU B 297 22.74 36.12 -11.53
N ASP B 298 22.85 35.12 -12.41
CA ASP B 298 23.78 35.19 -13.52
C ASP B 298 23.01 35.29 -14.83
N THR B 299 23.70 35.70 -15.89
CA THR B 299 23.08 35.98 -17.18
C THR B 299 22.35 34.77 -17.76
N PRO B 300 21.04 34.91 -18.04
CA PRO B 300 20.34 33.83 -18.73
C PRO B 300 20.98 33.51 -20.08
N ASP B 301 21.29 32.25 -20.30
CA ASP B 301 21.90 31.79 -21.55
C ASP B 301 20.82 31.29 -22.51
N ARG B 302 20.59 32.04 -23.59
CA ARG B 302 19.58 31.67 -24.58
C ARG B 302 20.00 30.47 -25.42
N ALA B 303 21.32 30.28 -25.58
CA ALA B 303 21.85 29.14 -26.33
C ALA B 303 21.73 27.83 -25.56
N LEU B 304 21.84 27.91 -24.23
CA LEU B 304 21.54 26.77 -23.38
C LEU B 304 20.10 26.35 -23.60
N LEU B 305 19.20 27.33 -23.51
CA LEU B 305 17.76 27.11 -23.65
C LEU B 305 17.40 26.44 -24.99
N ALA B 306 18.00 26.91 -26.08
CA ALA B 306 17.67 26.42 -27.42
C ALA B 306 18.05 24.95 -27.67
N ALA B 307 19.03 24.45 -26.93
CA ALA B 307 19.51 23.08 -27.09
C ALA B 307 18.72 22.04 -26.29
N LEU B 308 17.84 22.50 -25.39
CA LEU B 308 17.05 21.59 -24.56
C LEU B 308 15.88 20.97 -25.32
N PRO B 309 15.43 19.78 -24.87
CA PRO B 309 14.14 19.23 -25.31
C PRO B 309 13.02 20.24 -25.10
N GLU B 310 12.06 20.27 -26.01
CA GLU B 310 10.98 21.26 -25.96
C GLU B 310 10.23 21.26 -24.64
N VAL B 311 10.00 20.08 -24.08
CA VAL B 311 9.32 19.95 -22.79
C VAL B 311 10.03 20.76 -21.71
N TYR B 312 11.37 20.70 -21.69
CA TYR B 312 12.15 21.40 -20.67
C TYR B 312 12.13 22.91 -20.94
N ARG B 313 12.29 23.30 -22.20
CA ARG B 313 12.22 24.72 -22.59
C ARG B 313 10.93 25.35 -22.10
N GLN B 314 9.81 24.66 -22.33
CA GLN B 314 8.50 25.16 -21.94
C GLN B 314 8.39 25.31 -20.42
N SER B 315 8.85 24.31 -19.67
CA SER B 315 8.82 24.39 -18.22
C SER B 315 9.61 25.59 -17.70
N LEU B 316 10.82 25.79 -18.23
CA LEU B 316 11.66 26.92 -17.83
C LEU B 316 11.02 28.26 -18.18
N ALA B 317 10.50 28.38 -19.40
CA ALA B 317 9.91 29.63 -19.88
C ALA B 317 8.69 30.05 -19.07
N VAL B 318 7.91 29.08 -18.61
CA VAL B 318 6.69 29.35 -17.85
C VAL B 318 7.01 29.59 -16.37
N LYS B 319 7.98 28.86 -15.84
CA LYS B 319 8.35 28.97 -14.43
C LYS B 319 9.16 30.24 -14.13
N TRP B 320 10.10 30.56 -15.00
CA TRP B 320 10.94 31.76 -14.87
C TRP B 320 10.89 32.59 -16.15
N PRO B 321 9.74 33.24 -16.42
CA PRO B 321 9.55 33.93 -17.70
C PRO B 321 10.49 35.12 -17.93
N GLY B 322 10.92 35.75 -16.85
CA GLY B 322 11.89 36.85 -16.94
C GLY B 322 13.25 36.37 -17.40
N HIS B 323 13.59 35.12 -17.06
CA HIS B 323 14.87 34.53 -17.45
C HIS B 323 14.83 33.82 -18.80
N PHE B 324 13.78 33.00 -19.01
CA PHE B 324 13.76 32.05 -20.13
C PHE B 324 12.52 32.15 -21.02
N GLY B 325 11.74 33.22 -20.86
CA GLY B 325 10.53 33.43 -21.67
C GLY B 325 10.82 34.02 -23.03
OP3 5HM C . 5.20 -15.31 -3.91
P 5HM C . 4.44 -14.73 -2.77
OP1 5HM C . 3.52 -13.51 -3.24
OP2 5HM C . 5.41 -14.24 -1.59
O5' 5HM C . 3.53 -15.95 -2.23
C5' 5HM C . 2.62 -15.77 -1.15
C4' 5HM C . 1.21 -15.87 -1.71
O4' 5HM C . 0.33 -16.41 -0.73
C3' 5HM C . 0.60 -14.54 -2.13
O3' 5HM C . 0.98 -14.13 -3.45
C2' 5HM C . -0.87 -14.86 -2.01
O2' 5HM C . -1.29 -15.62 -3.15
C1' 5HM C . -0.98 -15.82 -0.84
N1 5HM C . -1.38 -15.22 0.46
C2 5HM C . -2.56 -14.43 0.59
O2 5HM C . -3.27 -14.17 -0.41
C6 5HM C . -0.64 -15.52 1.54
C5 5HM C . -0.97 -15.02 2.80
CM5 5HM C . -0.07 -15.38 3.97
OM5 5HM C . 0.09 -16.80 4.05
C4 5HM C . -2.19 -14.18 2.92
N3 5HM C . -2.91 -13.93 1.80
N4 5HM C . -2.58 -13.65 4.11
OP3 5HM D . -0.70 14.76 7.87
P 5HM D . 0.25 14.22 6.87
OP1 5HM D . -0.46 13.24 5.83
OP2 5HM D . 1.47 13.46 7.58
O5' 5HM D . 0.84 15.49 6.09
C5' 5HM D . 1.80 15.33 5.05
C4' 5HM D . 1.12 15.73 3.75
O4' 5HM D . 2.10 16.24 2.83
C3' 5HM D . 0.45 14.59 3.02
O3' 5HM D . -0.88 14.36 3.50
C2' 5HM D . 0.51 15.06 1.59
O2' 5HM D . -0.54 15.99 1.31
C1' 5HM D . 1.79 15.85 1.49
N1 5HM D . 2.93 15.17 0.87
C2 5HM D . 2.81 14.57 -0.41
O2 5HM D . 1.71 14.59 -1.02
C6 5HM D . 4.12 15.18 1.51
C5 5HM D . 5.23 14.57 0.95
CM5 5HM D . 6.54 14.60 1.71
OM5 5HM D . 7.12 15.89 1.46
C4 5HM D . 5.09 13.93 -0.39
N3 5HM D . 3.87 13.97 -1.00
N4 5HM D . 6.11 13.31 -1.02
#